data_7OMG
#
_entry.id   7OMG
#
_cell.length_a   108.403
_cell.length_b   147.138
_cell.length_c   71.129
_cell.angle_alpha   90.000
_cell.angle_beta   90.000
_cell.angle_gamma   90.000
#
_symmetry.space_group_name_H-M   'P 21 21 2'
#
loop_
_entity.id
_entity.type
_entity.pdbx_description
1 polymer 'DNA polymerase'
2 polymer Template
3 polymer Primer
4 non-polymer "2'-DEOXYADENOSINE 5'-TRIPHOSPHATE"
5 non-polymer 'MAGNESIUM ION'
6 non-polymer 'MANGANESE (II) ION'
7 non-polymer 1,2-ETHANEDIOL
8 non-polymer 'CALCIUM ION'
9 non-polymer 'CHLORIDE ION'
10 water water
#
loop_
_entity_poly.entity_id
_entity_poly.type
_entity_poly.pdbx_seq_one_letter_code
_entity_poly.pdbx_strand_id
1 'polypeptide(L)'
;MILDTDYITEDGKPVIRIFKKENGEFKIEYDRTFEPYFYALLKDDSAIEEVKKITAERHGTVVTVKRVEKVQKKFLGRPV
EVWKLYFTHPQDVPAIRDKIREHPAVIDIYEYDIPFAKRYLIDKGLVPMEGDEELKMLAFAIATLYHEGEEFAEGPILMI
SYADEEGARVITWKNVDLPYVDVVSTEREMIKRFLRVVKEKDPDVLITYNGDNFDFAYLKKRCEKLGINFALGRDGSEPK
IQRMGDRFAVEVKGRIHFDLYPVIRRTINLPTYTLEAVYEAVFGQPKEKVYAEEITTAWETGENLERVARYSMEDAKVTY
ELGKEFLPMEAQLSRLIGQSLWDVSRSSTGNLVEWFLLRKAYERNELAPNKPDEKELARRRQSYEGGYVKEPERGLWENI
VYLDFRSLYPSIIITHNVSPDTLNREGCKEYDVAPQVGHRFCKDFPGFIPSLLGDLLEERQKIKKKMKATIDPIERKLLD
YRQRAIKILANSYYGYYGYARARWYCKECAESVTAWGREYITMTIKEIEEKYGFKVIYSDTDGFFATIPGADAETVKKKA
MEFLKYINAKLPGALELEYEGFYKRGFFVTKKKYAVIDEEGKITTRGLEIVRRDWSEIAKETQARVLEALLKDGDVEKAV
RIVKEVTEKLSKYEVPPEKLVIHEQITRDLKDYKATGPHVAVAKRLAARGVKIRPGTVISYIVLKGSGRIGDRAIPFDEF
DPTKHKYDAEYYIENQVLPAVERILRAFGYRKEDLRYQKTRQVGLSAWLKPKGT
;
A
2 'polydeoxyribonucleotide'
;(DT)(DA)(DT)(DU)(DC)(DA)(DA)(DC)(DT)(DG)(DT)(DG)(DG)(DC)(DC)(DG)(DT)(DG)(DG)(DT)
(DC)
;
T
3 'polydeoxyribonucleotide' (DG)(DA)(DC)(DC)(DA)(DC)(DG)(DG)(DC)(DC)(DA)(DOC) P
#
# COMPACT_ATOMS: atom_id res chain seq x y z
N MET A 1 -15.09 -6.99 20.11
CA MET A 1 -14.04 -6.08 19.67
C MET A 1 -14.52 -4.68 19.38
N ILE A 2 -13.56 -3.77 19.38
CA ILE A 2 -13.79 -2.38 19.02
C ILE A 2 -13.68 -2.21 17.51
N LEU A 3 -14.70 -1.58 16.91
CA LEU A 3 -14.67 -1.31 15.47
C LEU A 3 -14.08 0.06 15.15
N ASP A 4 -14.47 1.10 15.89
CA ASP A 4 -14.05 2.45 15.58
C ASP A 4 -14.37 3.32 16.78
N THR A 5 -13.80 4.51 16.76
CA THR A 5 -14.17 5.56 17.68
C THR A 5 -14.34 6.83 16.88
N ASP A 6 -15.24 7.69 17.33
CA ASP A 6 -15.25 9.10 16.95
C ASP A 6 -15.72 9.90 18.17
N TYR A 7 -15.88 11.23 18.01
CA TYR A 7 -16.64 12.01 18.98
C TYR A 7 -17.69 12.88 18.31
N ILE A 8 -18.73 13.19 19.07
CA ILE A 8 -19.70 14.20 18.69
C ILE A 8 -19.73 15.23 19.82
N THR A 9 -20.32 16.38 19.53
CA THR A 9 -20.45 17.47 20.49
C THR A 9 -21.92 17.60 20.88
N GLU A 10 -22.17 17.61 22.19
CA GLU A 10 -23.49 17.86 22.73
C GLU A 10 -23.36 19.06 23.66
N ASP A 11 -24.05 20.14 23.30
CA ASP A 11 -24.11 21.33 24.13
C ASP A 11 -22.72 21.78 24.54
N GLY A 12 -21.82 21.80 23.57
CA GLY A 12 -20.48 22.29 23.77
C GLY A 12 -19.47 21.27 24.22
N LYS A 13 -19.90 20.07 24.63
CA LYS A 13 -18.98 19.13 25.25
C LYS A 13 -18.81 17.89 24.37
N PRO A 14 -17.57 17.40 24.24
CA PRO A 14 -17.34 16.20 23.41
C PRO A 14 -17.89 14.96 24.09
N VAL A 15 -18.35 14.02 23.29
CA VAL A 15 -18.73 12.70 23.77
C VAL A 15 -18.05 11.70 22.85
N ILE A 16 -17.18 10.88 23.41
CA ILE A 16 -16.53 9.84 22.63
C ILE A 16 -17.54 8.74 22.40
N ARG A 17 -17.66 8.30 21.16
CA ARG A 17 -18.44 7.10 20.85
C ARG A 17 -17.47 5.98 20.50
N ILE A 18 -17.60 4.83 21.18
CA ILE A 18 -16.85 3.62 20.81
C ILE A 18 -17.83 2.61 20.24
N PHE A 19 -17.58 2.20 18.99
CA PHE A 19 -18.42 1.22 18.32
C PHE A 19 -17.85 -0.16 18.55
N LYS A 20 -18.58 -0.97 19.31
CA LYS A 20 -18.14 -2.28 19.73
C LYS A 20 -19.03 -3.34 19.10
N LYS A 21 -18.51 -4.55 19.07
CA LYS A 21 -19.29 -5.74 18.73
C LYS A 21 -18.84 -6.79 19.73
N GLU A 22 -19.72 -7.16 20.66
CA GLU A 22 -19.39 -8.09 21.74
C GLU A 22 -20.50 -9.11 21.88
N ASN A 23 -20.14 -10.38 21.80
CA ASN A 23 -21.08 -11.49 21.99
C ASN A 23 -22.22 -11.40 20.99
N GLY A 24 -21.88 -11.19 19.72
CA GLY A 24 -22.86 -11.05 18.67
C GLY A 24 -23.77 -9.84 18.77
N GLU A 25 -23.50 -8.93 19.71
CA GLU A 25 -24.36 -7.76 19.91
C GLU A 25 -23.58 -6.49 19.62
N PHE A 26 -24.15 -5.63 18.79
CA PHE A 26 -23.56 -4.32 18.57
C PHE A 26 -23.91 -3.39 19.71
N LYS A 27 -22.91 -2.60 20.11
CA LYS A 27 -23.03 -1.66 21.21
C LYS A 27 -22.33 -0.36 20.82
N ILE A 28 -22.87 0.76 21.27
CA ILE A 28 -22.14 2.01 21.30
C ILE A 28 -21.91 2.33 22.77
N GLU A 29 -20.66 2.50 23.14
CA GLU A 29 -20.33 3.03 24.45
C GLU A 29 -20.10 4.52 24.31
N TYR A 30 -20.51 5.29 25.31
CA TYR A 30 -20.33 6.73 25.31
C TYR A 30 -19.35 7.08 26.43
N ASP A 31 -18.35 7.88 26.11
CA ASP A 31 -17.44 8.37 27.13
C ASP A 31 -17.54 9.89 27.11
N ARG A 32 -17.96 10.46 28.21
CA ARG A 32 -17.98 11.91 28.36
C ARG A 32 -16.89 12.42 29.29
N THR A 33 -16.06 11.54 29.87
CA THR A 33 -15.10 11.95 30.88
C THR A 33 -13.67 12.06 30.37
N PHE A 34 -13.38 11.62 29.16
CA PHE A 34 -12.00 11.68 28.67
C PHE A 34 -11.71 13.06 28.14
N GLU A 35 -10.58 13.68 28.58
CA GLU A 35 -10.36 15.10 28.28
C GLU A 35 -9.27 15.30 27.22
N PRO A 36 -9.46 16.25 26.31
CA PRO A 36 -8.39 16.58 25.36
C PRO A 36 -7.32 17.40 26.06
N TYR A 37 -6.09 17.31 25.53
CA TYR A 37 -4.93 17.93 26.20
C TYR A 37 -3.78 18.10 25.22
N PHE A 38 -2.86 19.00 25.57
CA PHE A 38 -1.50 18.83 25.08
C PHE A 38 -0.54 19.21 26.21
N TYR A 39 0.77 19.23 25.91
CA TYR A 39 1.83 19.43 26.89
C TYR A 39 2.57 20.73 26.66
N ALA A 40 3.01 21.37 27.76
CA ALA A 40 3.91 22.52 27.67
C ALA A 40 5.12 22.36 28.60
N LEU A 41 6.32 22.55 28.05
CA LEU A 41 7.54 22.63 28.84
C LEU A 41 7.78 24.09 29.19
N LEU A 42 7.97 24.36 30.48
CA LEU A 42 8.03 25.73 30.99
C LEU A 42 9.44 26.09 31.46
N LYS A 43 9.82 27.35 31.24
CA LYS A 43 11.09 27.82 31.79
C LYS A 43 11.13 27.68 33.31
N ASP A 44 9.97 27.64 33.97
CA ASP A 44 9.94 27.46 35.42
C ASP A 44 8.52 27.11 35.86
N ASP A 45 8.42 26.39 36.98
CA ASP A 45 7.11 25.98 37.49
C ASP A 45 6.23 27.15 37.88
N SER A 46 6.83 28.30 38.24
CA SER A 46 5.99 29.42 38.68
C SER A 46 5.11 29.92 37.54
N ALA A 47 5.59 29.81 36.30
CA ALA A 47 4.87 30.38 35.18
C ALA A 47 3.54 29.69 34.87
N ILE A 48 3.17 28.63 35.61
CA ILE A 48 1.97 27.91 35.26
C ILE A 48 0.73 28.74 35.59
N GLU A 49 0.80 29.55 36.65
CA GLU A 49 -0.33 30.42 36.98
C GLU A 49 -0.62 31.39 35.84
N GLU A 50 0.44 31.85 35.15
CA GLU A 50 0.24 32.69 33.98
C GLU A 50 -0.29 31.88 32.81
N VAL A 51 0.37 30.77 32.49
CA VAL A 51 -0.05 29.99 31.33
C VAL A 51 -1.49 29.49 31.51
N LYS A 52 -1.88 29.17 32.75
CA LYS A 52 -3.25 28.74 33.05
C LYS A 52 -4.26 29.77 32.60
N LYS A 53 -3.91 31.06 32.64
CA LYS A 53 -4.83 32.15 32.35
C LYS A 53 -4.89 32.52 30.87
N ILE A 54 -4.14 31.84 30.00
CA ILE A 54 -4.18 32.20 28.60
C ILE A 54 -5.53 31.81 28.01
N THR A 55 -6.13 32.71 27.24
CA THR A 55 -7.41 32.42 26.61
C THR A 55 -7.31 32.63 25.11
N ALA A 56 -8.19 31.95 24.38
CA ALA A 56 -8.37 32.19 22.95
C ALA A 56 -9.86 32.26 22.60
N GLU A 57 -10.18 32.20 21.32
CA GLU A 57 -11.57 32.29 20.90
C GLU A 57 -11.84 31.34 19.74
N ARG A 58 -13.10 30.99 19.58
CA ARG A 58 -13.46 29.91 18.66
C ARG A 58 -14.96 30.06 18.35
N HIS A 59 -15.26 30.72 17.24
CA HIS A 59 -16.63 31.05 16.85
C HIS A 59 -17.39 31.70 18.01
N GLY A 60 -16.81 32.77 18.55
CA GLY A 60 -17.47 33.58 19.55
C GLY A 60 -17.45 33.04 20.97
N THR A 61 -16.93 31.83 21.20
CA THR A 61 -16.90 31.25 22.53
C THR A 61 -15.47 31.26 23.04
N VAL A 62 -15.27 31.80 24.24
CA VAL A 62 -13.92 32.04 24.75
C VAL A 62 -13.34 30.71 25.19
N VAL A 63 -12.09 30.46 24.79
CA VAL A 63 -11.42 29.20 25.07
C VAL A 63 -10.47 29.40 26.24
N THR A 64 -10.63 28.57 27.27
CA THR A 64 -9.78 28.63 28.46
C THR A 64 -9.07 27.30 28.69
N VAL A 65 -8.06 27.33 29.56
CA VAL A 65 -7.41 26.11 30.03
C VAL A 65 -8.28 25.54 31.16
N LYS A 66 -8.68 24.28 31.04
CA LYS A 66 -9.62 23.73 32.02
C LYS A 66 -8.90 23.38 33.32
N ARG A 67 -7.79 22.65 33.22
CA ARG A 67 -7.00 22.25 34.36
C ARG A 67 -5.65 21.75 33.85
N VAL A 68 -4.67 21.80 34.74
CA VAL A 68 -3.30 21.50 34.39
C VAL A 68 -2.80 20.49 35.39
N GLU A 69 -1.74 19.80 35.01
CA GLU A 69 -1.25 18.69 35.81
C GLU A 69 0.18 18.42 35.40
N LYS A 70 1.07 18.40 36.38
CA LYS A 70 2.50 18.28 36.16
C LYS A 70 2.87 16.79 36.13
N VAL A 71 3.67 16.41 35.13
CA VAL A 71 3.94 15.00 34.86
C VAL A 71 5.42 14.83 34.54
N GLN A 72 6.00 13.71 34.98
CA GLN A 72 7.37 13.34 34.62
C GLN A 72 7.33 12.42 33.39
N LYS A 73 8.16 12.74 32.40
CA LYS A 73 8.17 12.03 31.13
C LYS A 73 9.63 11.92 30.67
N LYS A 74 9.83 11.30 29.52
CA LYS A 74 11.13 11.22 28.88
C LYS A 74 11.01 11.86 27.50
N PHE A 75 12.05 12.56 27.08
CA PHE A 75 12.12 13.02 25.70
C PHE A 75 13.40 12.46 25.12
N LEU A 76 13.28 11.70 24.05
CA LEU A 76 14.38 10.92 23.51
C LEU A 76 15.11 10.18 24.64
N GLY A 77 14.33 9.60 25.55
CA GLY A 77 14.90 8.83 26.64
C GLY A 77 15.48 9.63 27.80
N ARG A 78 15.33 10.95 27.79
CA ARG A 78 15.91 11.76 28.86
C ARG A 78 14.80 12.34 29.72
N PRO A 79 14.89 12.22 31.04
CA PRO A 79 13.76 12.57 31.90
C PRO A 79 13.47 14.07 31.91
N VAL A 80 12.20 14.42 32.05
CA VAL A 80 11.77 15.82 32.05
C VAL A 80 10.34 15.92 32.56
N GLU A 81 10.09 16.86 33.46
CA GLU A 81 8.74 17.22 33.88
C GLU A 81 8.15 18.24 32.91
N VAL A 82 6.92 18.00 32.48
CA VAL A 82 6.17 18.96 31.69
C VAL A 82 4.78 19.10 32.29
N TRP A 83 4.02 20.04 31.73
CA TRP A 83 2.68 20.37 32.21
C TRP A 83 1.66 19.93 31.16
N LYS A 84 0.78 19.03 31.58
CA LYS A 84 -0.31 18.54 30.74
C LYS A 84 -1.44 19.56 30.85
N LEU A 85 -1.76 20.23 29.73
CA LEU A 85 -2.81 21.26 29.71
C LEU A 85 -4.07 20.63 29.14
N TYR A 86 -5.10 20.56 29.96
CA TYR A 86 -6.39 19.96 29.59
C TYR A 86 -7.40 21.00 29.12
N PHE A 87 -8.26 20.62 28.18
CA PHE A 87 -9.30 21.53 27.69
C PHE A 87 -10.69 20.88 27.74
N THR A 88 -11.71 21.73 27.68
CA THR A 88 -13.07 21.20 27.70
C THR A 88 -13.39 20.46 26.39
N HIS A 89 -12.90 20.95 25.26
CA HIS A 89 -13.34 20.44 23.97
C HIS A 89 -12.14 20.29 23.02
N PRO A 90 -12.09 19.24 22.19
CA PRO A 90 -10.93 19.06 21.31
C PRO A 90 -10.62 20.27 20.46
N GLN A 91 -11.65 20.98 20.00
CA GLN A 91 -11.39 22.12 19.13
C GLN A 91 -10.77 23.28 19.88
N ASP A 92 -10.72 23.23 21.22
CA ASP A 92 -9.97 24.25 21.94
C ASP A 92 -8.49 24.20 21.55
N VAL A 93 -7.97 22.99 21.31
CA VAL A 93 -6.53 22.81 21.14
C VAL A 93 -6.00 23.62 19.96
N PRO A 94 -6.54 23.50 18.74
CA PRO A 94 -6.06 24.37 17.64
C PRO A 94 -6.34 25.82 17.89
N ALA A 95 -7.34 26.15 18.71
CA ALA A 95 -7.64 27.56 18.94
C ALA A 95 -6.59 28.22 19.83
N ILE A 96 -6.00 27.48 20.78
CA ILE A 96 -5.16 28.09 21.80
C ILE A 96 -3.69 27.68 21.72
N ARG A 97 -3.33 26.64 20.96
CA ARG A 97 -1.97 26.08 21.06
C ARG A 97 -0.89 27.10 20.69
N ASP A 98 -1.14 27.93 19.67
CA ASP A 98 -0.14 28.92 19.26
C ASP A 98 0.06 29.97 20.34
N LYS A 99 -1.03 30.42 20.97
CA LYS A 99 -0.90 31.40 22.03
C LYS A 99 -0.12 30.83 23.21
N ILE A 100 -0.16 29.52 23.37
CA ILE A 100 0.63 28.93 24.45
C ILE A 100 2.10 28.79 24.05
N ARG A 101 2.38 28.29 22.84
CA ARG A 101 3.75 28.28 22.34
C ARG A 101 4.37 29.67 22.34
N GLU A 102 3.57 30.70 22.04
CA GLU A 102 4.08 32.07 21.96
C GLU A 102 4.43 32.66 23.31
N HIS A 103 4.00 32.07 24.42
CA HIS A 103 4.20 32.68 25.72
C HIS A 103 5.68 32.61 26.11
N PRO A 104 6.27 33.71 26.62
CA PRO A 104 7.73 33.75 26.77
C PRO A 104 8.26 32.78 27.80
N ALA A 105 7.40 32.25 28.68
CA ALA A 105 7.79 31.26 29.65
C ALA A 105 7.54 29.81 29.17
N VAL A 106 7.32 29.61 27.88
CA VAL A 106 7.02 28.30 27.34
C VAL A 106 8.15 27.95 26.39
N ILE A 107 8.92 26.92 26.76
CA ILE A 107 10.05 26.51 25.93
C ILE A 107 9.54 25.77 24.70
N ASP A 108 8.53 24.93 24.87
CA ASP A 108 7.96 24.29 23.70
C ASP A 108 6.65 23.63 24.12
N ILE A 109 5.86 23.23 23.11
CA ILE A 109 4.68 22.42 23.35
C ILE A 109 4.81 21.12 22.55
N TYR A 110 3.99 20.13 22.92
CA TYR A 110 4.06 18.79 22.34
C TYR A 110 2.67 18.18 22.20
N GLU A 111 2.55 17.22 21.26
CA GLU A 111 1.36 16.38 21.08
C GLU A 111 0.10 17.25 21.01
N TYR A 112 0.15 18.20 20.10
CA TYR A 112 -0.89 19.20 19.97
C TYR A 112 -1.67 19.06 18.67
N ASP A 113 -1.38 18.04 17.87
CA ASP A 113 -2.11 17.75 16.63
C ASP A 113 -2.51 16.28 16.55
N ILE A 114 -3.02 15.70 17.63
CA ILE A 114 -3.39 14.29 17.70
C ILE A 114 -4.92 14.22 17.70
N PRO A 115 -5.56 13.78 16.61
CA PRO A 115 -7.04 13.69 16.59
C PRO A 115 -7.62 12.98 17.81
N PHE A 116 -8.65 13.60 18.39
CA PHE A 116 -9.18 13.19 19.70
C PHE A 116 -9.63 11.73 19.72
N ALA A 117 -10.35 11.28 18.69
CA ALA A 117 -10.82 9.90 18.66
C ALA A 117 -9.67 8.90 18.76
N LYS A 118 -8.53 9.21 18.12
CA LYS A 118 -7.35 8.35 18.13
C LYS A 118 -6.52 8.57 19.40
N ARG A 119 -6.43 9.83 19.87
CA ARG A 119 -5.94 10.10 21.20
C ARG A 119 -6.61 9.16 22.21
N TYR A 120 -7.93 9.05 22.12
CA TYR A 120 -8.68 8.22 23.04
C TYR A 120 -8.20 6.77 22.97
N LEU A 121 -8.05 6.22 21.76
CA LEU A 121 -7.65 4.83 21.66
C LEU A 121 -6.27 4.62 22.26
N ILE A 122 -5.37 5.57 22.06
CA ILE A 122 -4.01 5.37 22.55
C ILE A 122 -3.98 5.44 24.08
N ASP A 123 -4.52 6.54 24.65
CA ASP A 123 -4.42 6.71 26.09
C ASP A 123 -5.19 5.63 26.86
N LYS A 124 -6.31 5.16 26.31
CA LYS A 124 -7.03 4.08 26.98
C LYS A 124 -6.39 2.70 26.77
N GLY A 125 -5.25 2.63 26.07
CA GLY A 125 -4.68 1.35 25.70
C GLY A 125 -5.67 0.44 25.00
N LEU A 126 -6.58 1.01 24.22
CA LEU A 126 -7.55 0.22 23.47
C LEU A 126 -7.02 -0.05 22.06
N VAL A 127 -7.18 -1.28 21.60
CA VAL A 127 -6.71 -1.69 20.28
C VAL A 127 -7.93 -2.18 19.50
N PRO A 128 -8.19 -1.66 18.31
CA PRO A 128 -9.33 -2.18 17.53
C PRO A 128 -9.04 -3.53 16.93
N MET A 129 -10.12 -4.30 16.74
CA MET A 129 -10.09 -5.58 16.02
C MET A 129 -9.45 -6.70 16.83
N GLU A 130 -9.47 -6.59 18.16
CA GLU A 130 -8.98 -7.66 19.02
C GLU A 130 -10.10 -8.64 19.39
N GLY A 131 -9.78 -9.92 19.42
CA GLY A 131 -10.64 -10.89 20.05
C GLY A 131 -11.22 -11.90 19.06
N ASP A 132 -11.93 -12.88 19.66
CA ASP A 132 -12.49 -14.02 18.96
C ASP A 132 -13.72 -13.66 18.17
N GLU A 133 -14.04 -12.38 18.06
CA GLU A 133 -15.35 -11.95 17.61
C GLU A 133 -15.49 -12.16 16.11
N GLU A 134 -16.56 -12.85 15.70
CA GLU A 134 -16.84 -13.03 14.28
C GLU A 134 -17.68 -11.85 13.81
N LEU A 135 -17.12 -11.08 12.88
CA LEU A 135 -17.86 -9.97 12.30
C LEU A 135 -18.79 -10.47 11.21
N LYS A 136 -19.92 -9.78 11.07
CA LYS A 136 -20.86 -10.05 10.00
C LYS A 136 -20.55 -9.11 8.85
N MET A 137 -20.48 -9.66 7.62
CA MET A 137 -20.02 -8.89 6.48
C MET A 137 -21.02 -8.99 5.33
N LEU A 138 -21.04 -7.93 4.51
CA LEU A 138 -21.94 -7.85 3.38
C LEU A 138 -21.24 -7.04 2.31
N ALA A 139 -21.11 -7.62 1.11
CA ALA A 139 -20.59 -6.90 -0.04
C ALA A 139 -21.76 -6.36 -0.85
N PHE A 140 -21.56 -5.22 -1.52
CA PHE A 140 -22.55 -4.71 -2.46
C PHE A 140 -21.83 -4.07 -3.64
N ALA A 141 -22.56 -4.03 -4.77
CA ALA A 141 -22.15 -3.41 -6.02
C ALA A 141 -23.39 -2.85 -6.70
N ILE A 142 -23.18 -2.05 -7.76
CA ILE A 142 -24.28 -1.41 -8.48
C ILE A 142 -24.02 -1.46 -9.97
N ALA A 143 -25.10 -1.63 -10.73
CA ALA A 143 -25.09 -1.47 -12.18
C ALA A 143 -25.85 -0.19 -12.51
N THR A 144 -25.22 0.68 -13.30
CA THR A 144 -25.75 2.00 -13.60
C THR A 144 -26.02 2.10 -15.10
N LEU A 145 -27.05 2.90 -15.43
CA LEU A 145 -27.32 3.25 -16.82
C LEU A 145 -26.35 4.37 -17.20
N TYR A 146 -25.43 4.09 -18.12
CA TYR A 146 -24.43 5.06 -18.54
C TYR A 146 -24.68 5.48 -19.98
N HIS A 147 -24.59 6.78 -20.23
CA HIS A 147 -24.48 7.34 -21.57
C HIS A 147 -23.27 8.24 -21.62
N GLU A 148 -22.45 8.10 -22.65
CA GLU A 148 -21.23 8.89 -22.75
C GLU A 148 -21.56 10.37 -22.95
N GLY A 149 -20.78 11.23 -22.29
CA GLY A 149 -21.00 12.66 -22.38
C GLY A 149 -22.02 13.23 -21.42
N GLU A 150 -22.45 12.46 -20.43
CA GLU A 150 -23.38 12.95 -19.42
C GLU A 150 -22.64 13.28 -18.15
N GLU A 151 -23.34 13.96 -17.25
CA GLU A 151 -22.76 14.26 -15.95
C GLU A 151 -22.70 12.98 -15.11
N PHE A 152 -21.94 13.05 -14.04
CA PHE A 152 -21.85 11.90 -13.15
C PHE A 152 -23.21 11.62 -12.53
N ALA A 153 -23.66 10.37 -12.66
CA ALA A 153 -24.88 9.86 -12.04
C ALA A 153 -26.13 10.50 -12.58
N GLU A 154 -26.04 11.08 -13.78
CA GLU A 154 -27.23 11.63 -14.43
C GLU A 154 -28.26 10.54 -14.71
N GLY A 155 -27.80 9.37 -15.16
CA GLY A 155 -28.65 8.22 -15.36
C GLY A 155 -28.91 7.46 -14.07
N PRO A 156 -29.95 6.63 -14.08
CA PRO A 156 -30.33 5.90 -12.86
C PRO A 156 -29.42 4.71 -12.58
N ILE A 157 -29.44 4.29 -11.31
CA ILE A 157 -28.96 2.96 -10.95
C ILE A 157 -29.98 1.95 -11.44
N LEU A 158 -29.52 0.93 -12.14
CA LEU A 158 -30.45 -0.06 -12.65
C LEU A 158 -30.60 -1.25 -11.71
N MET A 159 -29.54 -1.59 -10.99
CA MET A 159 -29.54 -2.76 -10.12
C MET A 159 -28.59 -2.52 -8.94
N ILE A 160 -29.01 -2.96 -7.77
CA ILE A 160 -28.16 -3.04 -6.60
C ILE A 160 -28.05 -4.52 -6.23
N SER A 161 -26.83 -5.01 -6.07
CA SER A 161 -26.59 -6.39 -5.72
C SER A 161 -25.79 -6.45 -4.43
N TYR A 162 -26.07 -7.47 -3.63
CA TYR A 162 -25.35 -7.72 -2.39
C TYR A 162 -25.09 -9.21 -2.26
N ALA A 163 -24.01 -9.56 -1.57
CA ALA A 163 -23.68 -10.96 -1.34
C ALA A 163 -23.13 -11.15 0.06
N ASP A 164 -23.36 -12.33 0.61
CA ASP A 164 -22.74 -12.73 1.87
C ASP A 164 -22.78 -14.25 1.95
N GLU A 165 -22.69 -14.79 3.17
CA GLU A 165 -22.62 -16.23 3.31
C GLU A 165 -23.95 -16.92 3.02
N GLU A 166 -25.05 -16.16 2.99
CA GLU A 166 -26.33 -16.72 2.59
C GLU A 166 -26.50 -16.77 1.09
N GLY A 167 -25.66 -16.04 0.34
CA GLY A 167 -25.70 -16.06 -1.11
C GLY A 167 -25.77 -14.65 -1.65
N ALA A 168 -26.09 -14.55 -2.95
CA ALA A 168 -26.07 -13.29 -3.69
C ALA A 168 -27.46 -13.00 -4.27
N ARG A 169 -27.86 -11.72 -4.24
CA ARG A 169 -29.15 -11.32 -4.78
C ARG A 169 -29.01 -9.96 -5.47
N VAL A 170 -29.88 -9.70 -6.43
CA VAL A 170 -29.89 -8.47 -7.20
C VAL A 170 -31.26 -7.82 -7.07
N ILE A 171 -31.28 -6.57 -6.61
CA ILE A 171 -32.51 -5.76 -6.57
C ILE A 171 -32.56 -4.89 -7.82
N THR A 172 -33.69 -4.93 -8.54
CA THR A 172 -33.84 -4.12 -9.73
C THR A 172 -35.31 -3.72 -9.90
N TRP A 173 -35.52 -2.66 -10.66
CA TRP A 173 -36.86 -2.19 -10.95
C TRP A 173 -37.26 -2.45 -12.39
N LYS A 174 -36.50 -3.26 -13.11
CA LYS A 174 -36.92 -3.76 -14.41
C LYS A 174 -37.36 -5.22 -14.28
N ASN A 175 -38.11 -5.69 -15.27
CA ASN A 175 -38.77 -6.99 -15.21
C ASN A 175 -37.81 -8.10 -15.66
N VAL A 176 -37.02 -8.60 -14.72
CA VAL A 176 -36.05 -9.66 -14.94
C VAL A 176 -36.54 -10.93 -14.25
N ASP A 177 -36.64 -12.02 -15.00
CA ASP A 177 -37.11 -13.29 -14.47
C ASP A 177 -35.90 -14.18 -14.17
N LEU A 178 -35.38 -14.03 -12.97
CA LEU A 178 -34.29 -14.85 -12.45
C LEU A 178 -34.58 -15.11 -10.98
N PRO A 179 -34.04 -16.20 -10.43
CA PRO A 179 -34.35 -16.56 -9.03
C PRO A 179 -33.58 -15.76 -7.99
N TYR A 180 -32.55 -15.02 -8.36
CA TYR A 180 -31.85 -14.18 -7.40
C TYR A 180 -32.12 -12.69 -7.64
N VAL A 181 -33.06 -12.37 -8.53
CA VAL A 181 -33.44 -11.00 -8.82
C VAL A 181 -34.77 -10.71 -8.13
N ASP A 182 -34.78 -9.71 -7.26
CA ASP A 182 -35.97 -9.21 -6.61
C ASP A 182 -36.43 -7.97 -7.38
N VAL A 183 -37.67 -7.99 -7.84
CA VAL A 183 -38.20 -6.96 -8.73
C VAL A 183 -39.03 -5.99 -7.91
N VAL A 184 -38.76 -4.70 -8.08
CA VAL A 184 -39.52 -3.63 -7.44
C VAL A 184 -39.97 -2.65 -8.53
N SER A 185 -40.74 -1.65 -8.12
CA SER A 185 -41.48 -0.82 -9.08
C SER A 185 -40.68 0.36 -9.59
N THR A 186 -39.80 0.94 -8.78
CA THR A 186 -39.06 2.14 -9.19
C THR A 186 -37.64 2.09 -8.65
N GLU A 187 -36.81 2.97 -9.21
CA GLU A 187 -35.46 3.15 -8.69
C GLU A 187 -35.49 3.51 -7.21
N ARG A 188 -36.44 4.37 -6.80
CA ARG A 188 -36.54 4.74 -5.39
C ARG A 188 -36.86 3.54 -4.51
N GLU A 189 -37.78 2.68 -4.95
CA GLU A 189 -38.09 1.48 -4.17
C GLU A 189 -36.90 0.54 -4.12
N MET A 190 -36.11 0.47 -5.18
CA MET A 190 -34.94 -0.40 -5.20
C MET A 190 -33.93 0.01 -4.13
N ILE A 191 -33.53 1.29 -4.13
CA ILE A 191 -32.64 1.83 -3.11
C ILE A 191 -33.21 1.61 -1.72
N LYS A 192 -34.51 1.89 -1.56
CA LYS A 192 -35.15 1.71 -0.26
C LYS A 192 -35.12 0.24 0.16
N ARG A 193 -35.27 -0.67 -0.81
CA ARG A 193 -35.18 -2.09 -0.49
C ARG A 193 -33.76 -2.48 -0.07
N PHE A 194 -32.74 -1.90 -0.70
CA PHE A 194 -31.37 -2.18 -0.28
C PHE A 194 -31.12 -1.67 1.14
N LEU A 195 -31.46 -0.41 1.38
CA LEU A 195 -31.41 0.18 2.71
C LEU A 195 -32.09 -0.73 3.75
N ARG A 196 -33.25 -1.29 3.41
CA ARG A 196 -33.88 -2.21 4.35
C ARG A 196 -33.09 -3.51 4.49
N VAL A 197 -32.43 -3.97 3.43
CA VAL A 197 -31.69 -5.23 3.53
C VAL A 197 -30.49 -5.06 4.44
N VAL A 198 -29.78 -3.94 4.30
CA VAL A 198 -28.68 -3.64 5.18
C VAL A 198 -29.15 -3.51 6.63
N LYS A 199 -30.31 -2.87 6.85
CA LYS A 199 -30.82 -2.77 8.21
C LYS A 199 -31.21 -4.13 8.78
N GLU A 200 -31.76 -5.02 7.96
CA GLU A 200 -32.16 -6.34 8.46
C GLU A 200 -30.94 -7.24 8.66
N LYS A 201 -30.06 -7.32 7.66
CA LYS A 201 -28.85 -8.11 7.85
C LYS A 201 -27.94 -7.47 8.89
N ASP A 202 -27.97 -6.14 9.02
CA ASP A 202 -27.17 -5.42 10.00
C ASP A 202 -25.71 -5.87 10.02
N PRO A 203 -24.98 -5.68 8.92
CA PRO A 203 -23.58 -6.14 8.86
C PRO A 203 -22.63 -5.25 9.63
N ASP A 204 -21.60 -5.91 10.19
CA ASP A 204 -20.50 -5.17 10.80
C ASP A 204 -19.60 -4.54 9.74
N VAL A 205 -19.39 -5.23 8.61
CA VAL A 205 -18.54 -4.72 7.54
C VAL A 205 -19.38 -4.62 6.27
N LEU A 206 -19.33 -3.46 5.62
CA LEU A 206 -19.82 -3.29 4.25
C LEU A 206 -18.62 -3.28 3.30
N ILE A 207 -18.59 -4.22 2.37
CA ILE A 207 -17.46 -4.43 1.48
C ILE A 207 -17.80 -3.90 0.10
N THR A 208 -16.95 -3.05 -0.45
CA THR A 208 -17.11 -2.65 -1.84
C THR A 208 -15.80 -2.87 -2.55
N TYR A 209 -15.80 -2.52 -3.83
CA TYR A 209 -14.59 -2.47 -4.63
C TYR A 209 -14.60 -1.13 -5.36
N ASN A 210 -13.85 -0.17 -4.81
CA ASN A 210 -13.81 1.22 -5.25
C ASN A 210 -15.09 1.98 -4.87
N GLY A 211 -15.81 1.52 -3.85
CA GLY A 211 -16.94 2.28 -3.35
C GLY A 211 -16.57 3.60 -2.70
N ASP A 212 -15.29 3.77 -2.30
CA ASP A 212 -14.81 5.06 -1.84
C ASP A 212 -14.97 6.13 -2.90
N ASN A 213 -14.94 5.76 -4.16
CA ASN A 213 -14.92 6.74 -5.22
C ASN A 213 -16.11 6.67 -6.16
N PHE A 214 -16.72 5.49 -6.34
CA PHE A 214 -17.83 5.33 -7.28
C PHE A 214 -19.15 5.07 -6.57
N ASP A 215 -19.34 3.85 -6.03
CA ASP A 215 -20.65 3.38 -5.56
C ASP A 215 -21.34 4.40 -4.66
N PHE A 216 -20.65 4.87 -3.62
CA PHE A 216 -21.33 5.71 -2.64
C PHE A 216 -21.66 7.08 -3.21
N ALA A 217 -20.82 7.61 -4.10
CA ALA A 217 -21.10 8.91 -4.68
C ALA A 217 -22.29 8.83 -5.63
N TYR A 218 -22.40 7.71 -6.33
CA TYR A 218 -23.53 7.48 -7.23
C TYR A 218 -24.81 7.38 -6.43
N LEU A 219 -24.81 6.50 -5.41
CA LEU A 219 -25.93 6.40 -4.50
C LEU A 219 -26.33 7.76 -3.93
N LYS A 220 -25.34 8.53 -3.49
CA LYS A 220 -25.66 9.82 -2.88
C LYS A 220 -26.38 10.73 -3.88
N LYS A 221 -25.91 10.78 -5.13
CA LYS A 221 -26.56 11.62 -6.15
C LYS A 221 -28.01 11.19 -6.39
N ARG A 222 -28.24 9.88 -6.53
CA ARG A 222 -29.59 9.36 -6.77
C ARG A 222 -30.49 9.62 -5.58
N CYS A 223 -29.98 9.43 -4.35
CA CYS A 223 -30.82 9.72 -3.19
C CYS A 223 -31.14 11.22 -3.09
N GLU A 224 -30.26 12.07 -3.60
CA GLU A 224 -30.54 13.51 -3.64
C GLU A 224 -31.62 13.82 -4.67
N LYS A 225 -31.55 13.19 -5.85
CA LYS A 225 -32.58 13.36 -6.85
C LYS A 225 -33.93 12.86 -6.33
N LEU A 226 -33.90 11.72 -5.62
CA LEU A 226 -35.10 10.99 -5.29
C LEU A 226 -35.66 11.33 -3.91
N GLY A 227 -34.94 12.10 -3.11
CA GLY A 227 -35.49 12.53 -1.83
C GLY A 227 -35.41 11.46 -0.78
N ILE A 228 -34.33 10.69 -0.77
CA ILE A 228 -34.17 9.51 0.08
C ILE A 228 -33.16 9.79 1.18
N ASN A 229 -33.57 9.58 2.42
CA ASN A 229 -32.66 9.56 3.56
C ASN A 229 -31.97 8.21 3.57
N PHE A 230 -30.69 8.19 3.16
CA PHE A 230 -29.95 6.95 2.93
C PHE A 230 -29.26 6.54 4.24
N ALA A 231 -30.09 6.13 5.19
CA ALA A 231 -29.69 5.97 6.59
C ALA A 231 -28.97 4.62 6.83
N LEU A 232 -27.84 4.43 6.13
CA LEU A 232 -27.01 3.23 6.28
C LEU A 232 -26.24 3.15 7.60
N GLY A 233 -25.97 4.29 8.25
CA GLY A 233 -25.23 4.24 9.50
C GLY A 233 -26.03 3.58 10.59
N ARG A 234 -25.33 2.91 11.51
CA ARG A 234 -26.02 2.29 12.63
C ARG A 234 -26.66 3.31 13.55
N ASP A 235 -26.20 4.55 13.52
CA ASP A 235 -26.79 5.63 14.30
C ASP A 235 -27.82 6.41 13.49
N GLY A 236 -28.21 5.88 12.31
CA GLY A 236 -29.20 6.53 11.47
C GLY A 236 -28.66 7.56 10.51
N SER A 237 -27.33 7.72 10.45
CA SER A 237 -26.70 8.73 9.61
C SER A 237 -26.53 8.21 8.18
N GLU A 238 -26.27 9.12 7.29
CA GLU A 238 -25.95 8.75 5.93
C GLU A 238 -24.44 8.56 5.79
N PRO A 239 -23.98 7.89 4.71
CA PRO A 239 -22.54 7.75 4.52
C PRO A 239 -21.87 9.11 4.52
N LYS A 240 -20.70 9.17 5.14
CA LYS A 240 -19.99 10.42 5.39
C LYS A 240 -18.82 10.44 4.41
N ILE A 241 -18.87 11.35 3.44
CA ILE A 241 -17.94 11.34 2.33
C ILE A 241 -16.82 12.31 2.68
N GLN A 242 -15.65 11.75 3.05
CA GLN A 242 -14.52 12.51 3.54
C GLN A 242 -13.41 12.60 2.48
N ARG A 243 -12.67 13.69 2.52
CA ARG A 243 -11.57 13.91 1.59
C ARG A 243 -10.30 13.32 2.17
N MET A 244 -9.51 12.70 1.30
CA MET A 244 -8.26 12.07 1.70
C MET A 244 -7.25 12.32 0.58
N GLY A 245 -6.36 13.29 0.81
CA GLY A 245 -5.44 13.72 -0.23
C GLY A 245 -6.18 14.12 -1.50
N ASP A 246 -5.66 13.67 -2.64
CA ASP A 246 -6.23 13.95 -3.95
C ASP A 246 -7.58 13.25 -4.18
N ARG A 247 -7.94 12.26 -3.35
CA ARG A 247 -9.18 11.52 -3.59
C ARG A 247 -10.07 11.44 -2.36
N PHE A 248 -11.14 10.66 -2.45
CA PHE A 248 -12.18 10.63 -1.44
C PHE A 248 -12.20 9.28 -0.74
N ALA A 249 -12.80 9.24 0.44
CA ALA A 249 -13.10 7.96 1.08
C ALA A 249 -14.42 8.11 1.80
N VAL A 250 -15.10 6.98 2.01
CA VAL A 250 -16.44 7.02 2.54
C VAL A 250 -16.53 6.15 3.78
N GLU A 251 -17.15 6.68 4.82
CA GLU A 251 -17.40 5.91 6.02
C GLU A 251 -18.90 5.77 6.27
N VAL A 252 -19.27 4.69 6.94
CA VAL A 252 -20.63 4.44 7.39
C VAL A 252 -20.54 4.21 8.89
N LYS A 253 -21.05 5.16 9.68
CA LYS A 253 -20.82 5.14 11.11
C LYS A 253 -21.42 3.88 11.72
N GLY A 254 -20.66 3.26 12.64
CA GLY A 254 -21.10 2.07 13.30
C GLY A 254 -20.70 0.79 12.60
N ARG A 255 -20.45 0.84 11.31
CA ARG A 255 -19.93 -0.28 10.55
C ARG A 255 -18.52 0.08 10.10
N ILE A 256 -17.94 -0.80 9.29
CA ILE A 256 -16.63 -0.60 8.70
C ILE A 256 -16.84 -0.70 7.19
N HIS A 257 -16.76 0.43 6.50
CA HIS A 257 -16.75 0.34 5.04
C HIS A 257 -15.34 -0.07 4.65
N PHE A 258 -15.20 -1.34 4.30
CA PHE A 258 -13.97 -1.91 3.78
C PHE A 258 -14.03 -1.83 2.25
N ASP A 259 -13.49 -0.74 1.70
CA ASP A 259 -13.20 -0.67 0.27
C ASP A 259 -11.98 -1.54 -0.06
N LEU A 260 -12.18 -2.59 -0.85
CA LEU A 260 -11.11 -3.52 -1.19
C LEU A 260 -10.07 -2.91 -2.12
N TYR A 261 -10.44 -1.90 -2.92
CA TYR A 261 -9.52 -1.43 -3.96
C TYR A 261 -8.19 -0.90 -3.43
N PRO A 262 -8.14 -0.01 -2.43
CA PRO A 262 -6.82 0.45 -1.98
C PRO A 262 -5.97 -0.68 -1.41
N VAL A 263 -6.60 -1.67 -0.77
CA VAL A 263 -5.86 -2.79 -0.20
C VAL A 263 -5.27 -3.66 -1.31
N ILE A 264 -6.11 -4.11 -2.25
CA ILE A 264 -5.64 -4.93 -3.36
C ILE A 264 -4.59 -4.19 -4.17
N ARG A 265 -4.81 -2.88 -4.39
CA ARG A 265 -3.92 -2.14 -5.29
C ARG A 265 -2.50 -2.08 -4.73
N ARG A 266 -2.36 -2.09 -3.43
CA ARG A 266 -1.05 -1.96 -2.82
C ARG A 266 -0.39 -3.32 -2.50
N THR A 267 -1.14 -4.44 -2.52
CA THR A 267 -0.51 -5.72 -2.18
C THR A 267 -0.42 -6.72 -3.32
N ILE A 268 -1.13 -6.52 -4.43
CA ILE A 268 -0.93 -7.32 -5.63
C ILE A 268 -0.52 -6.40 -6.77
N ASN A 269 0.44 -6.85 -7.57
CA ASN A 269 0.90 -6.06 -8.69
C ASN A 269 0.32 -6.63 -9.97
N LEU A 270 -0.58 -5.87 -10.61
CA LEU A 270 -1.29 -6.38 -11.76
C LEU A 270 -1.27 -5.38 -12.91
N PRO A 271 -1.40 -5.86 -14.15
CA PRO A 271 -1.51 -4.92 -15.27
C PRO A 271 -2.72 -4.02 -15.18
N THR A 272 -3.91 -4.59 -14.96
CA THR A 272 -5.15 -3.86 -14.75
C THR A 272 -5.76 -4.33 -13.44
N TYR A 273 -6.48 -3.44 -12.76
CA TYR A 273 -7.11 -3.78 -11.49
C TYR A 273 -8.63 -3.83 -11.60
N THR A 274 -9.13 -4.27 -12.75
CA THR A 274 -10.56 -4.57 -12.87
C THR A 274 -10.93 -5.64 -11.85
N LEU A 275 -12.19 -5.63 -11.43
CA LEU A 275 -12.66 -6.65 -10.49
C LEU A 275 -12.42 -8.05 -11.04
N GLU A 276 -12.55 -8.23 -12.35
CA GLU A 276 -12.32 -9.53 -12.95
C GLU A 276 -10.85 -9.94 -12.79
N ALA A 277 -9.94 -9.03 -13.11
CA ALA A 277 -8.51 -9.35 -13.06
C ALA A 277 -8.09 -9.75 -11.66
N VAL A 278 -8.57 -9.00 -10.66
CA VAL A 278 -8.24 -9.29 -9.27
C VAL A 278 -8.75 -10.67 -8.87
N TYR A 279 -9.97 -11.01 -9.27
CA TYR A 279 -10.55 -12.30 -8.90
C TYR A 279 -9.78 -13.44 -9.53
N GLU A 280 -9.40 -13.31 -10.81
CA GLU A 280 -8.53 -14.30 -11.44
C GLU A 280 -7.18 -14.38 -10.72
N ALA A 281 -6.67 -13.24 -10.26
CA ALA A 281 -5.33 -13.22 -9.68
C ALA A 281 -5.29 -13.94 -8.35
N VAL A 282 -6.35 -13.83 -7.55
CA VAL A 282 -6.37 -14.36 -6.19
C VAL A 282 -6.76 -15.85 -6.16
N PHE A 283 -7.86 -16.22 -6.81
CA PHE A 283 -8.38 -17.58 -6.74
C PHE A 283 -8.05 -18.44 -7.95
N GLY A 284 -7.78 -17.84 -9.11
CA GLY A 284 -7.44 -18.59 -10.30
C GLY A 284 -8.60 -18.94 -11.20
N GLN A 285 -9.83 -18.56 -10.84
CA GLN A 285 -11.11 -18.74 -11.54
C GLN A 285 -11.39 -17.53 -12.44
N PRO A 286 -11.95 -17.76 -13.63
CA PRO A 286 -12.29 -16.63 -14.51
C PRO A 286 -13.60 -15.96 -14.12
N LYS A 287 -13.65 -14.63 -14.26
CA LYS A 287 -14.88 -13.87 -14.09
C LYS A 287 -15.08 -12.97 -15.29
N GLU A 288 -16.30 -13.02 -15.86
CA GLU A 288 -16.63 -12.31 -17.09
C GLU A 288 -16.92 -10.83 -16.82
N LYS A 289 -16.63 -10.01 -17.83
CA LYS A 289 -16.81 -8.56 -17.76
C LYS A 289 -17.85 -8.14 -18.79
N VAL A 290 -19.05 -7.80 -18.31
CA VAL A 290 -20.06 -7.14 -19.14
C VAL A 290 -19.85 -5.63 -19.02
N TYR A 291 -19.84 -4.94 -20.17
CA TYR A 291 -19.36 -3.57 -20.21
C TYR A 291 -20.49 -2.56 -19.99
N ALA A 292 -20.10 -1.36 -19.54
CA ALA A 292 -21.04 -0.27 -19.31
C ALA A 292 -21.78 0.16 -20.57
N GLU A 293 -21.32 -0.27 -21.75
CA GLU A 293 -21.96 0.01 -23.02
C GLU A 293 -22.79 -1.17 -23.55
N GLU A 294 -22.39 -2.41 -23.23
CA GLU A 294 -23.30 -3.53 -23.40
C GLU A 294 -24.48 -3.44 -22.42
N ILE A 295 -24.28 -2.74 -21.29
CA ILE A 295 -25.32 -2.58 -20.28
C ILE A 295 -26.41 -1.62 -20.77
N THR A 296 -26.00 -0.53 -21.43
CA THR A 296 -26.96 0.54 -21.72
C THR A 296 -27.90 0.20 -22.87
N THR A 297 -27.41 -0.42 -23.95
CA THR A 297 -28.32 -0.84 -25.01
C THR A 297 -29.15 -2.06 -24.60
N ALA A 298 -28.75 -2.75 -23.53
CA ALA A 298 -29.55 -3.87 -23.03
C ALA A 298 -30.77 -3.40 -22.25
N TRP A 299 -30.65 -2.29 -21.51
CA TRP A 299 -31.77 -1.78 -20.71
C TRP A 299 -32.83 -1.10 -21.57
N GLU A 300 -32.41 -0.36 -22.58
CA GLU A 300 -33.36 0.32 -23.44
C GLU A 300 -34.11 -0.64 -24.35
N THR A 301 -33.55 -1.82 -24.63
CA THR A 301 -34.16 -2.77 -25.57
C THR A 301 -34.76 -3.99 -24.88
N GLY A 302 -34.60 -4.13 -23.57
CA GLY A 302 -35.17 -5.27 -22.87
C GLY A 302 -34.35 -6.54 -22.97
N GLU A 303 -33.60 -6.70 -24.06
CA GLU A 303 -32.81 -7.90 -24.28
C GLU A 303 -31.52 -7.85 -23.48
N ASN A 304 -31.09 -9.02 -22.99
CA ASN A 304 -29.85 -9.16 -22.21
C ASN A 304 -29.85 -8.27 -20.98
N LEU A 305 -31.01 -8.17 -20.32
CA LEU A 305 -31.04 -7.71 -18.94
C LEU A 305 -30.74 -8.83 -17.96
N GLU A 306 -30.99 -10.08 -18.36
CA GLU A 306 -30.64 -11.21 -17.51
C GLU A 306 -29.12 -11.40 -17.44
N ARG A 307 -28.40 -11.16 -18.55
CA ARG A 307 -26.95 -11.24 -18.55
C ARG A 307 -26.34 -10.14 -17.69
N VAL A 308 -26.97 -8.96 -17.66
CA VAL A 308 -26.52 -7.87 -16.79
C VAL A 308 -26.84 -8.16 -15.34
N ALA A 309 -28.04 -8.70 -15.08
CA ALA A 309 -28.37 -9.14 -13.74
C ALA A 309 -27.39 -10.19 -13.23
N ARG A 310 -26.85 -11.03 -14.13
CA ARG A 310 -25.88 -12.04 -13.73
C ARG A 310 -24.50 -11.44 -13.51
N TYR A 311 -24.08 -10.51 -14.38
CA TYR A 311 -22.84 -9.78 -14.16
C TYR A 311 -22.90 -8.94 -12.89
N SER A 312 -24.07 -8.38 -12.55
CA SER A 312 -24.20 -7.63 -11.31
C SER A 312 -24.13 -8.54 -10.09
N MET A 313 -24.79 -9.70 -10.16
CA MET A 313 -24.72 -10.67 -9.07
C MET A 313 -23.32 -11.24 -8.90
N GLU A 314 -22.60 -11.48 -10.01
CA GLU A 314 -21.22 -11.93 -9.89
C GLU A 314 -20.33 -10.88 -9.24
N ASP A 315 -20.50 -9.61 -9.62
CA ASP A 315 -19.74 -8.54 -8.99
C ASP A 315 -19.85 -8.61 -7.47
N ALA A 316 -21.09 -8.68 -6.96
CA ALA A 316 -21.27 -8.74 -5.51
C ALA A 316 -20.67 -10.01 -4.92
N LYS A 317 -20.90 -11.16 -5.57
CA LYS A 317 -20.39 -12.42 -5.03
C LYS A 317 -18.85 -12.40 -4.91
N VAL A 318 -18.14 -12.02 -5.97
CA VAL A 318 -16.69 -12.03 -5.89
C VAL A 318 -16.22 -10.97 -4.92
N THR A 319 -16.90 -9.83 -4.86
CA THR A 319 -16.52 -8.78 -3.93
C THR A 319 -16.59 -9.30 -2.50
N TYR A 320 -17.62 -10.09 -2.18
CA TYR A 320 -17.70 -10.70 -0.85
C TYR A 320 -16.54 -11.67 -0.60
N GLU A 321 -16.35 -12.65 -1.48
CA GLU A 321 -15.31 -13.65 -1.25
C GLU A 321 -13.93 -13.02 -1.14
N LEU A 322 -13.66 -11.95 -1.89
CA LEU A 322 -12.40 -11.24 -1.74
C LEU A 322 -12.29 -10.60 -0.36
N GLY A 323 -13.33 -9.88 0.06
CA GLY A 323 -13.30 -9.28 1.38
C GLY A 323 -13.18 -10.31 2.50
N LYS A 324 -13.73 -11.50 2.27
CA LYS A 324 -13.58 -12.58 3.24
C LYS A 324 -12.10 -12.93 3.43
N GLU A 325 -11.34 -12.99 2.34
CA GLU A 325 -9.93 -13.37 2.40
C GLU A 325 -9.04 -12.26 2.94
N PHE A 326 -9.30 -11.01 2.55
CA PHE A 326 -8.41 -9.92 2.88
C PHE A 326 -8.73 -9.24 4.21
N LEU A 327 -9.86 -9.55 4.81
CA LEU A 327 -10.16 -8.89 6.07
C LEU A 327 -9.18 -9.34 7.16
N PRO A 328 -8.82 -10.63 7.25
CA PRO A 328 -7.83 -11.02 8.27
C PRO A 328 -6.52 -10.28 8.14
N MET A 329 -6.02 -10.09 6.91
CA MET A 329 -4.81 -9.32 6.71
C MET A 329 -4.92 -7.95 7.34
N GLU A 330 -5.98 -7.21 6.97
CA GLU A 330 -6.10 -5.82 7.38
C GLU A 330 -6.51 -5.71 8.84
N ALA A 331 -7.25 -6.70 9.34
CA ALA A 331 -7.49 -6.76 10.78
C ALA A 331 -6.21 -7.01 11.57
N GLN A 332 -5.25 -7.77 11.03
CA GLN A 332 -4.00 -7.89 11.77
C GLN A 332 -3.20 -6.60 11.71
N LEU A 333 -3.10 -6.01 10.51
CA LEU A 333 -2.36 -4.75 10.40
C LEU A 333 -3.01 -3.69 11.25
N SER A 334 -4.34 -3.75 11.35
CA SER A 334 -5.04 -2.82 12.21
C SER A 334 -4.68 -3.05 13.67
N ARG A 335 -4.51 -4.31 14.07
CA ARG A 335 -4.15 -4.63 15.46
C ARG A 335 -2.71 -4.22 15.78
N LEU A 336 -1.78 -4.43 14.84
CA LEU A 336 -0.39 -4.05 15.08
C LEU A 336 -0.24 -2.54 15.21
N ILE A 337 -0.94 -1.77 14.37
CA ILE A 337 -0.81 -0.33 14.41
C ILE A 337 -1.60 0.24 15.59
N GLY A 338 -2.65 -0.44 16.03
CA GLY A 338 -3.51 0.12 17.05
C GLY A 338 -4.47 1.19 16.57
N GLN A 339 -4.81 1.19 15.29
CA GLN A 339 -5.87 2.09 14.83
C GLN A 339 -6.93 1.28 14.07
N SER A 340 -8.02 1.97 13.72
CA SER A 340 -9.18 1.32 13.12
C SER A 340 -8.85 0.77 11.75
N LEU A 341 -9.58 -0.27 11.35
CA LEU A 341 -9.33 -0.86 10.04
C LEU A 341 -9.68 0.11 8.91
N TRP A 342 -10.73 0.91 9.09
CA TRP A 342 -11.05 1.93 8.09
C TRP A 342 -9.84 2.83 7.80
N ASP A 343 -9.19 3.32 8.86
CA ASP A 343 -8.00 4.16 8.69
C ASP A 343 -6.82 3.37 8.15
N VAL A 344 -6.54 2.22 8.76
CA VAL A 344 -5.30 1.53 8.45
C VAL A 344 -5.30 1.04 7.02
N SER A 345 -6.47 0.58 6.51
CA SER A 345 -6.56 0.06 5.15
C SER A 345 -6.39 1.14 4.09
N ARG A 346 -6.51 2.42 4.45
CA ARG A 346 -6.48 3.49 3.47
C ARG A 346 -5.24 4.39 3.57
N SER A 347 -4.54 4.38 4.68
CA SER A 347 -3.55 5.42 4.94
C SER A 347 -2.17 5.08 4.38
N SER A 348 -1.41 6.13 4.08
CA SER A 348 -0.02 5.99 3.67
C SER A 348 0.80 5.22 4.73
N THR A 349 1.93 4.67 4.28
CA THR A 349 2.77 3.86 5.18
C THR A 349 3.44 4.71 6.25
N GLY A 350 3.97 5.88 5.89
CA GLY A 350 4.57 6.76 6.88
C GLY A 350 3.62 7.08 8.03
N ASN A 351 2.35 7.28 7.70
CA ASN A 351 1.37 7.66 8.71
C ASN A 351 1.06 6.49 9.64
N LEU A 352 1.04 5.27 9.11
CA LEU A 352 0.90 4.08 9.96
C LEU A 352 2.09 3.94 10.91
N VAL A 353 3.30 4.06 10.37
CA VAL A 353 4.50 4.01 11.21
C VAL A 353 4.35 4.97 12.37
N GLU A 354 3.91 6.19 12.06
CA GLU A 354 3.89 7.21 13.08
C GLU A 354 2.76 6.98 14.10
N TRP A 355 1.58 6.53 13.66
CA TRP A 355 0.55 6.21 14.64
C TRP A 355 0.98 5.05 15.52
N PHE A 356 1.72 4.11 14.96
CA PHE A 356 2.30 3.05 15.78
C PHE A 356 3.30 3.61 16.78
N LEU A 357 4.14 4.54 16.33
CA LEU A 357 5.12 5.14 17.25
C LEU A 357 4.43 5.97 18.33
N LEU A 358 3.33 6.68 18.02
CA LEU A 358 2.68 7.47 19.06
C LEU A 358 2.10 6.60 20.17
N ARG A 359 1.55 5.44 19.81
CA ARG A 359 1.03 4.53 20.83
C ARG A 359 2.18 3.99 21.70
N LYS A 360 3.24 3.48 21.06
CA LYS A 360 4.38 2.96 21.82
C LYS A 360 4.98 4.07 22.70
N ALA A 361 5.09 5.28 22.16
CA ALA A 361 5.60 6.38 22.96
C ALA A 361 4.73 6.59 24.19
N TYR A 362 3.41 6.48 24.03
CA TYR A 362 2.54 6.63 25.18
C TYR A 362 2.78 5.54 26.19
N GLU A 363 2.78 4.28 25.74
CA GLU A 363 3.04 3.13 26.63
C GLU A 363 4.35 3.28 27.40
N ARG A 364 5.37 3.92 26.81
CA ARG A 364 6.70 4.04 27.40
C ARG A 364 6.91 5.37 28.15
N ASN A 365 5.89 6.21 28.22
CA ASN A 365 5.98 7.52 28.85
C ASN A 365 7.03 8.40 28.17
N GLU A 366 7.11 8.29 26.84
CA GLU A 366 7.96 9.15 26.02
C GLU A 366 7.13 10.21 25.28
N LEU A 367 7.35 11.47 25.64
CA LEU A 367 6.88 12.59 24.85
C LEU A 367 7.22 12.43 23.39
N ALA A 368 6.26 12.76 22.51
CA ALA A 368 6.59 12.66 21.09
C ALA A 368 7.27 13.94 20.61
N PRO A 369 8.26 13.84 19.73
CA PRO A 369 8.72 15.04 19.01
C PRO A 369 7.62 15.53 18.09
N ASN A 370 7.70 16.81 17.77
CA ASN A 370 6.75 17.44 16.86
C ASN A 370 7.18 17.18 15.44
N LYS A 371 6.21 17.25 14.52
CA LYS A 371 6.53 17.33 13.11
C LYS A 371 7.44 18.53 12.87
N PRO A 372 8.25 18.50 11.82
CA PRO A 372 9.06 19.68 11.49
C PRO A 372 8.19 20.83 11.02
N ASP A 373 8.61 22.05 11.36
CA ASP A 373 8.10 23.24 10.72
C ASP A 373 8.77 23.41 9.36
N GLU A 374 8.39 24.47 8.64
CA GLU A 374 8.79 24.60 7.24
C GLU A 374 10.29 24.85 7.11
N LYS A 375 10.90 25.51 8.10
CA LYS A 375 12.35 25.68 8.12
C LYS A 375 13.05 24.33 8.23
N GLU A 376 12.72 23.57 9.28
CA GLU A 376 13.35 22.28 9.49
C GLU A 376 13.10 21.34 8.30
N LEU A 377 11.91 21.41 7.72
CA LEU A 377 11.58 20.58 6.56
C LEU A 377 12.56 20.81 5.41
N ALA A 378 12.78 22.08 5.06
CA ALA A 378 13.74 22.40 4.01
C ALA A 378 15.14 21.91 4.36
N ARG A 379 15.47 21.88 5.66
CA ARG A 379 16.79 21.45 6.11
C ARG A 379 16.98 19.95 5.93
N ARG A 380 15.91 19.18 5.95
CA ARG A 380 15.98 17.72 5.92
C ARG A 380 15.95 17.14 4.51
N ARG A 381 16.24 17.93 3.48
CA ARG A 381 16.04 17.44 2.13
C ARG A 381 17.33 16.96 1.48
N GLN A 382 18.40 16.81 2.26
CA GLN A 382 19.61 16.18 1.78
C GLN A 382 19.41 14.68 1.68
N SER A 383 20.02 14.06 0.68
CA SER A 383 19.97 12.62 0.50
C SER A 383 21.22 11.97 1.10
N TYR A 384 21.32 10.64 0.96
CA TYR A 384 22.44 9.92 1.54
C TYR A 384 22.65 8.65 0.73
N GLU A 385 23.73 7.94 1.06
CA GLU A 385 24.12 6.76 0.28
C GLU A 385 23.33 5.53 0.70
N GLY A 386 22.98 4.68 -0.26
CA GLY A 386 22.18 3.52 0.05
C GLY A 386 22.90 2.21 -0.14
N GLY A 387 22.17 1.20 -0.64
CA GLY A 387 22.74 -0.13 -0.73
C GLY A 387 23.71 -0.31 -1.89
N TYR A 388 24.53 -1.34 -1.76
CA TYR A 388 25.51 -1.71 -2.79
C TYR A 388 24.91 -2.66 -3.82
N VAL A 389 25.18 -2.39 -5.11
CA VAL A 389 24.67 -3.20 -6.20
C VAL A 389 25.85 -3.58 -7.08
N LYS A 390 26.18 -4.87 -7.11
CA LYS A 390 27.32 -5.30 -7.91
C LYS A 390 26.94 -5.35 -9.38
N GLU A 391 27.87 -5.00 -10.24
CA GLU A 391 27.64 -5.21 -11.65
C GLU A 391 27.68 -6.71 -11.90
N PRO A 392 26.67 -7.29 -12.54
CA PRO A 392 26.64 -8.75 -12.67
C PRO A 392 27.71 -9.22 -13.64
N GLU A 393 28.23 -10.42 -13.37
CA GLU A 393 29.05 -11.14 -14.35
C GLU A 393 28.07 -11.70 -15.39
N ARG A 394 27.89 -10.97 -16.49
CA ARG A 394 26.78 -11.20 -17.40
C ARG A 394 26.88 -12.53 -18.11
N GLY A 395 25.70 -13.09 -18.44
CA GLY A 395 25.60 -14.29 -19.24
C GLY A 395 24.81 -15.37 -18.54
N LEU A 396 24.97 -16.60 -19.05
CA LEU A 396 24.26 -17.78 -18.55
C LEU A 396 25.09 -18.48 -17.49
N TRP A 397 24.44 -18.89 -16.41
CA TRP A 397 25.12 -19.57 -15.31
C TRP A 397 24.33 -20.79 -14.87
N GLU A 398 25.05 -21.82 -14.41
CA GLU A 398 24.43 -23.04 -13.94
C GLU A 398 24.69 -23.26 -12.45
N ASN A 399 23.71 -23.90 -11.80
CA ASN A 399 23.77 -24.30 -10.39
C ASN A 399 24.07 -23.11 -9.49
N ILE A 400 23.05 -22.25 -9.38
CA ILE A 400 23.13 -20.98 -8.67
C ILE A 400 22.39 -21.12 -7.35
N VAL A 401 23.01 -20.67 -6.26
CA VAL A 401 22.33 -20.48 -4.99
C VAL A 401 22.08 -19.00 -4.79
N TYR A 402 20.95 -18.70 -4.15
CA TYR A 402 20.56 -17.33 -3.79
C TYR A 402 20.57 -17.26 -2.27
N LEU A 403 21.48 -16.47 -1.73
CA LEU A 403 21.61 -16.25 -0.28
C LEU A 403 21.27 -14.81 0.02
N ASP A 404 20.48 -14.59 1.07
CA ASP A 404 19.88 -13.28 1.31
C ASP A 404 19.69 -13.06 2.80
N PHE A 405 19.92 -11.84 3.25
CA PHE A 405 19.80 -11.53 4.66
C PHE A 405 18.33 -11.44 5.07
N ARG A 406 18.03 -11.97 6.25
CA ARG A 406 16.71 -11.84 6.82
C ARG A 406 16.50 -10.40 7.30
N SER A 407 15.49 -9.71 6.75
CA SER A 407 15.15 -8.34 7.14
C SER A 407 16.39 -7.53 7.49
N LEU A 408 17.23 -7.24 6.49
CA LEU A 408 18.54 -6.67 6.77
C LEU A 408 18.47 -5.37 7.56
N TYR A 409 17.90 -4.31 6.97
CA TYR A 409 17.97 -3.01 7.64
C TYR A 409 17.36 -3.06 9.03
N PRO A 410 16.16 -3.62 9.22
CA PRO A 410 15.65 -3.72 10.59
C PRO A 410 16.57 -4.52 11.50
N SER A 411 17.22 -5.56 10.98
CA SER A 411 18.14 -6.33 11.82
C SER A 411 19.32 -5.48 12.27
N ILE A 412 19.82 -4.62 11.37
CA ILE A 412 20.91 -3.72 11.69
C ILE A 412 20.49 -2.72 12.76
N ILE A 413 19.29 -2.15 12.62
CA ILE A 413 18.75 -1.26 13.64
C ILE A 413 18.68 -1.95 14.98
N ILE A 414 18.25 -3.22 15.00
CA ILE A 414 18.20 -3.93 16.28
C ILE A 414 19.61 -4.22 16.80
N THR A 415 20.44 -4.85 15.97
CA THR A 415 21.76 -5.31 16.40
C THR A 415 22.62 -4.17 16.94
N HIS A 416 22.62 -3.03 16.26
CA HIS A 416 23.52 -1.95 16.62
C HIS A 416 22.80 -0.84 17.35
N ASN A 417 21.55 -1.07 17.72
CA ASN A 417 20.79 -0.13 18.56
C ASN A 417 20.69 1.25 17.90
N VAL A 418 20.37 1.26 16.60
CA VAL A 418 20.48 2.47 15.80
C VAL A 418 19.21 3.31 15.97
N SER A 419 19.35 4.48 16.61
CA SER A 419 18.18 5.27 16.97
C SER A 419 18.56 6.67 17.46
N PRO A 420 17.64 7.64 17.29
CA PRO A 420 17.96 9.03 17.68
C PRO A 420 18.26 9.19 19.16
N ASP A 421 17.66 8.38 20.02
CA ASP A 421 17.93 8.51 21.44
C ASP A 421 19.21 7.77 21.88
N THR A 422 19.90 7.05 21.00
CA THR A 422 21.18 6.46 21.35
C THR A 422 22.36 7.08 20.60
N LEU A 423 22.09 7.88 19.57
CA LEU A 423 23.13 8.56 18.80
C LEU A 423 23.99 9.49 19.65
N ASN A 424 25.30 9.20 19.67
CA ASN A 424 26.32 9.98 20.38
C ASN A 424 25.89 10.34 21.80
N ARG A 425 25.11 9.49 22.44
CA ARG A 425 24.77 9.72 23.83
C ARG A 425 26.02 9.47 24.68
N GLU A 426 26.45 10.47 25.45
CA GLU A 426 27.67 10.31 26.22
C GLU A 426 27.43 9.46 27.47
N GLY A 427 28.52 8.97 28.04
CA GLY A 427 28.45 8.30 29.32
C GLY A 427 28.27 6.81 29.28
N CYS A 428 28.14 6.19 28.11
CA CYS A 428 27.83 4.78 28.06
C CYS A 428 29.10 3.94 28.18
N LYS A 429 28.93 2.71 28.69
CA LYS A 429 30.04 1.76 28.66
C LYS A 429 30.28 1.24 27.25
N GLU A 430 29.25 1.17 26.42
CA GLU A 430 29.37 0.39 25.20
C GLU A 430 28.74 1.09 24.00
N TYR A 431 29.46 1.05 22.87
CA TYR A 431 29.09 1.75 21.64
C TYR A 431 29.39 0.91 20.42
N ASP A 432 28.53 0.98 19.42
CA ASP A 432 28.82 0.50 18.08
C ASP A 432 29.01 1.72 17.18
N VAL A 433 30.02 1.65 16.31
CA VAL A 433 30.43 2.77 15.47
C VAL A 433 30.10 2.41 14.02
N ALA A 434 29.39 3.29 13.37
CA ALA A 434 28.90 3.02 12.02
C ALA A 434 30.06 3.15 11.04
N PRO A 435 30.24 2.22 10.13
CA PRO A 435 31.37 2.33 9.21
C PRO A 435 31.12 3.47 8.23
N GLN A 436 32.23 4.03 7.73
CA GLN A 436 32.26 5.13 6.78
C GLN A 436 31.76 6.43 7.37
N VAL A 437 30.56 6.45 7.96
CA VAL A 437 29.97 7.70 8.40
C VAL A 437 30.22 8.02 9.88
N GLY A 438 30.66 7.04 10.69
CA GLY A 438 31.24 7.32 12.00
C GLY A 438 30.26 7.49 13.16
N HIS A 439 28.95 7.65 12.90
CA HIS A 439 28.00 7.86 14.00
C HIS A 439 28.12 6.75 15.04
N ARG A 440 28.14 7.13 16.31
CA ARG A 440 28.23 6.18 17.42
C ARG A 440 26.86 5.96 18.03
N PHE A 441 26.56 4.71 18.38
CA PHE A 441 25.26 4.39 18.94
C PHE A 441 25.44 3.66 20.27
N CYS A 442 24.90 4.25 21.33
CA CYS A 442 25.03 3.71 22.67
C CYS A 442 24.25 2.39 22.80
N LYS A 443 24.86 1.40 23.45
CA LYS A 443 24.29 0.06 23.56
C LYS A 443 23.80 -0.25 24.97
N ASP A 444 23.82 0.70 25.88
CA ASP A 444 23.57 0.37 27.28
C ASP A 444 22.11 0.06 27.60
N PHE A 445 21.16 0.55 26.78
CA PHE A 445 19.72 0.45 27.02
C PHE A 445 19.10 0.41 25.64
N PRO A 446 18.04 -0.38 25.43
CA PRO A 446 17.42 -0.45 24.09
C PRO A 446 16.94 0.92 23.64
N GLY A 447 17.24 1.24 22.39
CA GLY A 447 16.65 2.41 21.79
C GLY A 447 15.17 2.21 21.50
N PHE A 448 14.45 3.32 21.47
CA PHE A 448 12.99 3.27 21.34
C PHE A 448 12.56 2.41 20.15
N ILE A 449 12.91 2.86 18.94
CA ILE A 449 12.56 2.14 17.72
C ILE A 449 13.27 0.78 17.64
N PRO A 450 14.56 0.66 18.03
CA PRO A 450 15.16 -0.69 18.04
C PRO A 450 14.41 -1.68 18.90
N SER A 451 13.88 -1.25 20.06
CA SER A 451 13.16 -2.17 20.93
C SER A 451 11.78 -2.52 20.39
N LEU A 452 11.31 -1.87 19.33
CA LEU A 452 10.01 -2.18 18.77
C LEU A 452 10.11 -3.11 17.56
N LEU A 453 11.22 -3.06 16.82
CA LEU A 453 11.27 -3.83 15.59
C LEU A 453 11.29 -5.33 15.83
N GLY A 454 11.71 -5.78 17.02
CA GLY A 454 11.88 -7.19 17.24
C GLY A 454 10.56 -7.95 17.25
N ASP A 455 9.54 -7.36 17.90
CA ASP A 455 8.24 -8.02 17.91
C ASP A 455 7.62 -8.04 16.52
N LEU A 456 7.94 -7.06 15.68
CA LEU A 456 7.47 -7.09 14.29
C LEU A 456 8.13 -8.23 13.52
N LEU A 457 9.46 -8.30 13.55
CA LEU A 457 10.18 -9.37 12.85
C LEU A 457 9.74 -10.74 13.36
N GLU A 458 9.60 -10.88 14.68
CA GLU A 458 9.09 -12.12 15.24
C GLU A 458 7.72 -12.45 14.66
N GLU A 459 6.82 -11.46 14.62
CA GLU A 459 5.50 -11.71 14.05
C GLU A 459 5.62 -12.18 12.62
N ARG A 460 6.48 -11.53 11.82
CA ARG A 460 6.62 -11.92 10.43
C ARG A 460 7.16 -13.35 10.30
N GLN A 461 8.21 -13.68 11.07
CA GLN A 461 8.82 -15.00 10.91
C GLN A 461 7.87 -16.11 11.37
N LYS A 462 7.04 -15.86 12.39
CA LYS A 462 6.02 -16.84 12.76
C LYS A 462 5.01 -17.06 11.63
N ILE A 463 4.60 -15.99 10.95
CA ILE A 463 3.71 -16.15 9.81
C ILE A 463 4.38 -16.99 8.74
N LYS A 464 5.68 -16.76 8.49
CA LYS A 464 6.42 -17.58 7.52
C LYS A 464 6.53 -19.02 8.00
N LYS A 465 6.73 -19.22 9.30
CA LYS A 465 6.80 -20.57 9.83
C LYS A 465 5.45 -21.26 9.70
N LYS A 466 4.35 -20.52 9.89
CA LYS A 466 3.01 -21.10 9.73
C LYS A 466 2.68 -21.36 8.27
N MET A 467 3.16 -20.48 7.37
CA MET A 467 3.14 -20.75 5.94
C MET A 467 3.72 -22.12 5.60
N LYS A 468 4.71 -22.59 6.39
CA LYS A 468 5.33 -23.89 6.15
C LYS A 468 4.48 -25.07 6.63
N ALA A 469 3.56 -24.85 7.57
CA ALA A 469 2.76 -25.93 8.14
C ALA A 469 1.39 -26.09 7.51
N THR A 470 0.98 -25.18 6.63
CA THR A 470 -0.32 -25.22 5.96
C THR A 470 -0.18 -25.79 4.55
N ILE A 471 -1.13 -26.65 4.16
CA ILE A 471 -1.15 -27.20 2.80
C ILE A 471 -2.05 -26.42 1.83
N ASP A 472 -3.03 -25.65 2.32
CA ASP A 472 -3.94 -24.95 1.41
C ASP A 472 -3.21 -23.86 0.62
N PRO A 473 -3.26 -23.89 -0.72
CA PRO A 473 -2.49 -22.91 -1.52
C PRO A 473 -3.03 -21.49 -1.45
N ILE A 474 -4.35 -21.31 -1.52
CA ILE A 474 -4.90 -19.96 -1.41
C ILE A 474 -4.58 -19.38 -0.03
N GLU A 475 -4.82 -20.16 1.02
CA GLU A 475 -4.47 -19.72 2.37
C GLU A 475 -2.96 -19.48 2.51
N ARG A 476 -2.12 -20.22 1.79
CA ARG A 476 -0.68 -19.95 1.86
C ARG A 476 -0.32 -18.63 1.16
N LYS A 477 -1.01 -18.33 0.04
CA LYS A 477 -0.80 -17.06 -0.66
C LYS A 477 -1.23 -15.86 0.20
N LEU A 478 -2.34 -15.99 0.94
CA LEU A 478 -2.79 -14.89 1.79
C LEU A 478 -1.85 -14.68 2.97
N LEU A 479 -1.38 -15.78 3.57
CA LEU A 479 -0.33 -15.68 4.57
C LEU A 479 0.91 -15.02 3.99
N ASP A 480 1.19 -15.26 2.70
CA ASP A 480 2.34 -14.63 2.05
C ASP A 480 2.18 -13.11 1.96
N TYR A 481 0.98 -12.63 1.61
CA TYR A 481 0.74 -11.19 1.59
C TYR A 481 0.93 -10.59 2.97
N ARG A 482 0.45 -11.29 4.00
CA ARG A 482 0.56 -10.74 5.35
C ARG A 482 2.02 -10.57 5.74
N GLN A 483 2.84 -11.63 5.56
CA GLN A 483 4.22 -11.51 5.99
C GLN A 483 4.98 -10.51 5.15
N ARG A 484 4.62 -10.41 3.86
CA ARG A 484 5.25 -9.40 3.02
C ARG A 484 4.85 -7.99 3.45
N ALA A 485 3.61 -7.82 3.91
CA ALA A 485 3.17 -6.51 4.36
C ALA A 485 3.91 -6.11 5.62
N ILE A 486 4.20 -7.08 6.50
CA ILE A 486 4.99 -6.77 7.69
C ILE A 486 6.44 -6.48 7.34
N LYS A 487 6.99 -7.24 6.39
CA LYS A 487 8.31 -6.93 5.84
C LYS A 487 8.43 -5.46 5.42
N ILE A 488 7.45 -4.99 4.61
CA ILE A 488 7.44 -3.62 4.10
C ILE A 488 7.30 -2.62 5.25
N LEU A 489 6.39 -2.89 6.18
CA LEU A 489 6.23 -2.04 7.35
C LEU A 489 7.53 -1.91 8.14
N ALA A 490 8.19 -3.04 8.43
CA ALA A 490 9.43 -3.01 9.20
C ALA A 490 10.52 -2.23 8.48
N ASN A 491 10.62 -2.41 7.16
CA ASN A 491 11.60 -1.67 6.38
C ASN A 491 11.27 -0.19 6.33
N SER A 492 9.98 0.16 6.45
CA SER A 492 9.60 1.56 6.44
C SER A 492 9.97 2.26 7.74
N TYR A 493 10.23 1.52 8.83
CA TYR A 493 10.84 2.17 10.00
C TYR A 493 12.20 2.73 9.66
N TYR A 494 13.00 1.97 8.87
CA TYR A 494 14.29 2.49 8.44
C TYR A 494 14.10 3.69 7.53
N GLY A 495 13.24 3.57 6.53
CA GLY A 495 13.00 4.71 5.65
C GLY A 495 12.46 5.92 6.40
N TYR A 496 11.62 5.67 7.40
CA TYR A 496 11.10 6.74 8.23
C TYR A 496 12.22 7.58 8.85
N TYR A 497 13.34 6.94 9.25
CA TYR A 497 14.49 7.70 9.77
C TYR A 497 14.95 8.78 8.78
N GLY A 498 14.85 8.50 7.48
CA GLY A 498 15.19 9.45 6.43
C GLY A 498 14.03 10.25 5.87
N TYR A 499 12.86 10.22 6.52
CA TYR A 499 11.65 10.84 6.00
C TYR A 499 11.54 12.25 6.56
N ALA A 500 11.60 13.25 5.70
CA ALA A 500 11.64 14.65 6.16
C ALA A 500 10.49 15.01 7.11
N ARG A 501 9.33 14.38 6.97
CA ARG A 501 8.19 14.73 7.82
C ARG A 501 8.18 13.96 9.14
N ALA A 502 9.05 12.98 9.33
CA ALA A 502 8.99 12.13 10.50
C ALA A 502 9.23 12.93 11.78
N ARG A 503 8.44 12.61 12.80
CA ARG A 503 8.73 13.10 14.16
C ARG A 503 10.06 12.55 14.68
N TRP A 504 10.20 11.23 14.70
CA TRP A 504 11.47 10.64 15.12
C TRP A 504 12.47 10.56 13.97
N TYR A 505 12.58 11.62 13.18
CA TYR A 505 13.53 11.67 12.07
C TYR A 505 14.96 11.58 12.60
N CYS A 506 15.85 11.04 11.78
CA CYS A 506 17.25 10.87 12.17
C CYS A 506 18.07 10.47 10.96
N LYS A 507 18.60 11.45 10.21
CA LYS A 507 19.32 11.07 9.01
C LYS A 507 20.63 10.35 9.35
N GLU A 508 21.26 10.69 10.49
CA GLU A 508 22.45 9.93 10.92
C GLU A 508 22.11 8.46 11.07
N CYS A 509 20.97 8.17 11.71
CA CYS A 509 20.54 6.79 11.87
C CYS A 509 20.33 6.11 10.52
N ALA A 510 19.75 6.82 9.55
CA ALA A 510 19.36 6.18 8.30
C ALA A 510 20.58 5.88 7.44
N GLU A 511 21.54 6.80 7.36
CA GLU A 511 22.75 6.52 6.64
C GLU A 511 23.72 5.61 7.41
N SER A 512 23.57 5.50 8.72
CA SER A 512 24.33 4.48 9.44
C SER A 512 23.83 3.08 9.07
N VAL A 513 22.51 2.91 9.01
CA VAL A 513 21.94 1.63 8.62
C VAL A 513 22.45 1.20 7.26
N THR A 514 22.37 2.09 6.27
CA THR A 514 22.81 1.68 4.94
C THR A 514 24.30 1.41 4.91
N ALA A 515 25.08 2.14 5.72
CA ALA A 515 26.52 1.92 5.70
C ALA A 515 26.86 0.56 6.31
N TRP A 516 26.20 0.20 7.40
CA TRP A 516 26.34 -1.16 7.91
C TRP A 516 25.93 -2.19 6.88
N GLY A 517 24.89 -1.89 6.09
CA GLY A 517 24.44 -2.84 5.09
C GLY A 517 25.48 -3.08 4.01
N ARG A 518 26.05 -1.99 3.48
CA ARG A 518 27.14 -2.13 2.51
C ARG A 518 28.32 -2.89 3.12
N GLU A 519 28.59 -2.69 4.41
CA GLU A 519 29.69 -3.41 5.01
C GLU A 519 29.40 -4.90 5.09
N TYR A 520 28.19 -5.26 5.53
CA TYR A 520 27.91 -6.66 5.78
C TYR A 520 27.88 -7.46 4.48
N ILE A 521 27.24 -6.93 3.41
CA ILE A 521 27.07 -7.72 2.20
C ILE A 521 28.40 -7.89 1.50
N THR A 522 29.24 -6.84 1.50
CA THR A 522 30.52 -6.95 0.84
C THR A 522 31.50 -7.83 1.63
N MET A 523 31.40 -7.83 2.97
CA MET A 523 32.19 -8.79 3.75
C MET A 523 31.73 -10.21 3.44
N THR A 524 30.42 -10.43 3.36
CA THR A 524 29.90 -11.75 3.06
C THR A 524 30.39 -12.24 1.68
N ILE A 525 30.39 -11.35 0.69
CA ILE A 525 30.84 -11.71 -0.65
C ILE A 525 32.31 -12.12 -0.60
N LYS A 526 33.13 -11.34 0.10
CA LYS A 526 34.55 -11.63 0.20
C LYS A 526 34.78 -12.97 0.90
N GLU A 527 34.06 -13.19 2.00
CA GLU A 527 34.10 -14.45 2.73
C GLU A 527 33.76 -15.65 1.84
N ILE A 528 32.68 -15.58 1.06
CA ILE A 528 32.27 -16.77 0.31
C ILE A 528 33.17 -17.05 -0.87
N GLU A 529 33.87 -16.03 -1.37
CA GLU A 529 34.79 -16.29 -2.49
C GLU A 529 36.14 -16.79 -1.98
N GLU A 530 36.61 -16.24 -0.87
CA GLU A 530 37.96 -16.57 -0.41
C GLU A 530 38.00 -17.86 0.40
N LYS A 531 37.05 -18.06 1.30
CA LYS A 531 37.11 -19.28 2.10
C LYS A 531 36.47 -20.48 1.43
N TYR A 532 35.42 -20.27 0.63
CA TYR A 532 34.69 -21.40 0.08
C TYR A 532 34.82 -21.55 -1.42
N GLY A 533 35.46 -20.61 -2.12
CA GLY A 533 35.72 -20.80 -3.52
C GLY A 533 34.54 -20.56 -4.44
N PHE A 534 33.45 -19.99 -3.93
CA PHE A 534 32.33 -19.58 -4.78
C PHE A 534 32.73 -18.42 -5.68
N LYS A 535 31.94 -18.22 -6.72
CA LYS A 535 32.03 -17.02 -7.55
C LYS A 535 30.72 -16.25 -7.40
N VAL A 536 30.79 -15.04 -6.85
CA VAL A 536 29.57 -14.24 -6.66
C VAL A 536 29.17 -13.68 -8.02
N ILE A 537 28.05 -14.17 -8.55
CA ILE A 537 27.64 -13.76 -9.89
C ILE A 537 27.07 -12.36 -9.88
N TYR A 538 26.24 -12.07 -8.88
CA TYR A 538 25.49 -10.82 -8.86
C TYR A 538 25.03 -10.57 -7.43
N SER A 539 24.96 -9.30 -7.03
CA SER A 539 24.63 -8.94 -5.66
C SER A 539 23.87 -7.60 -5.60
N ASP A 540 22.84 -7.54 -4.75
CA ASP A 540 22.00 -6.34 -4.63
C ASP A 540 21.63 -6.14 -3.17
N THR A 541 22.35 -5.23 -2.50
CA THR A 541 22.08 -4.75 -1.13
C THR A 541 22.37 -5.75 -0.03
N ASP A 542 21.65 -6.89 0.00
CA ASP A 542 21.70 -7.81 1.13
C ASP A 542 21.68 -9.27 0.72
N GLY A 543 21.84 -9.58 -0.55
CA GLY A 543 21.87 -10.96 -0.98
C GLY A 543 22.67 -11.06 -2.27
N PHE A 544 22.92 -12.30 -2.69
CA PHE A 544 23.70 -12.49 -3.91
C PHE A 544 23.39 -13.86 -4.52
N PHE A 545 23.75 -14.00 -5.78
CA PHE A 545 23.71 -15.27 -6.50
C PHE A 545 25.13 -15.75 -6.73
N ALA A 546 25.36 -17.04 -6.53
CA ALA A 546 26.72 -17.56 -6.59
C ALA A 546 26.68 -19.04 -6.98
N THR A 547 27.79 -19.51 -7.53
CA THR A 547 27.98 -20.90 -7.89
C THR A 547 29.43 -21.28 -7.62
N ILE A 548 29.67 -22.57 -7.59
CA ILE A 548 31.04 -23.08 -7.65
C ILE A 548 31.27 -23.49 -9.09
N PRO A 549 31.98 -22.70 -9.88
CA PRO A 549 32.07 -22.97 -11.32
C PRO A 549 32.70 -24.34 -11.56
N GLY A 550 31.96 -25.18 -12.29
CA GLY A 550 32.35 -26.55 -12.56
C GLY A 550 31.75 -27.59 -11.64
N ALA A 551 31.07 -27.18 -10.57
CA ALA A 551 30.49 -28.11 -9.61
C ALA A 551 29.03 -28.45 -9.98
N ASP A 552 28.61 -29.65 -9.59
CA ASP A 552 27.24 -30.09 -9.81
C ASP A 552 26.31 -29.50 -8.75
N ALA A 553 25.00 -29.75 -8.92
CA ALA A 553 24.00 -29.15 -8.03
C ALA A 553 24.21 -29.56 -6.58
N GLU A 554 24.45 -30.84 -6.35
CA GLU A 554 24.65 -31.37 -5.00
C GLU A 554 25.83 -30.68 -4.32
N THR A 555 26.96 -30.56 -5.02
CA THR A 555 28.13 -29.93 -4.42
C THR A 555 27.87 -28.47 -4.09
N VAL A 556 27.25 -27.73 -5.01
CA VAL A 556 26.99 -26.32 -4.72
C VAL A 556 26.05 -26.19 -3.54
N LYS A 557 25.08 -27.09 -3.41
CA LYS A 557 24.14 -26.99 -2.30
C LYS A 557 24.82 -27.30 -0.97
N LYS A 558 25.58 -28.39 -0.92
CA LYS A 558 26.28 -28.77 0.32
C LYS A 558 27.25 -27.68 0.75
N LYS A 559 28.07 -27.19 -0.17
CA LYS A 559 29.04 -26.16 0.17
C LYS A 559 28.38 -24.83 0.48
N ALA A 560 27.19 -24.56 -0.08
CA ALA A 560 26.45 -23.37 0.34
C ALA A 560 25.97 -23.49 1.78
N MET A 561 25.45 -24.65 2.18
CA MET A 561 25.03 -24.80 3.56
C MET A 561 26.21 -24.73 4.53
N GLU A 562 27.38 -25.24 4.11
CA GLU A 562 28.59 -25.09 4.94
C GLU A 562 28.87 -23.62 5.21
N PHE A 563 28.85 -22.79 4.18
CA PHE A 563 29.16 -21.36 4.35
C PHE A 563 28.18 -20.68 5.29
N LEU A 564 26.89 -21.05 5.23
CA LEU A 564 25.90 -20.39 6.07
C LEU A 564 26.22 -20.56 7.55
N LYS A 565 26.62 -21.77 7.94
CA LYS A 565 27.00 -22.04 9.33
C LYS A 565 28.17 -21.16 9.76
N TYR A 566 29.26 -21.22 8.99
CA TYR A 566 30.40 -20.33 9.21
C TYR A 566 29.96 -18.87 9.37
N ILE A 567 29.27 -18.33 8.37
CA ILE A 567 29.03 -16.89 8.38
C ILE A 567 28.03 -16.52 9.47
N ASN A 568 27.02 -17.36 9.72
CA ASN A 568 26.00 -16.98 10.69
C ASN A 568 26.54 -16.99 12.12
N ALA A 569 27.61 -17.76 12.37
CA ALA A 569 28.29 -17.74 13.66
C ALA A 569 29.26 -16.58 13.80
N LYS A 570 29.72 -15.99 12.69
CA LYS A 570 30.48 -14.74 12.77
C LYS A 570 29.56 -13.53 12.94
N LEU A 571 28.35 -13.59 12.44
CA LEU A 571 27.49 -12.42 12.45
C LEU A 571 26.90 -12.18 13.85
N PRO A 572 26.88 -10.93 14.30
CA PRO A 572 26.35 -10.62 15.63
C PRO A 572 24.83 -10.47 15.64
N GLY A 573 24.29 -10.45 16.84
CA GLY A 573 22.88 -10.26 17.13
C GLY A 573 21.88 -10.86 16.15
N ALA A 574 21.07 -10.00 15.52
CA ALA A 574 19.95 -10.42 14.69
C ALA A 574 20.28 -10.54 13.22
N LEU A 575 21.54 -10.35 12.84
CA LEU A 575 21.95 -10.55 11.46
C LEU A 575 21.94 -12.05 11.14
N GLU A 576 21.47 -12.41 9.96
CA GLU A 576 21.27 -13.82 9.64
C GLU A 576 21.18 -13.98 8.13
N LEU A 577 22.10 -14.75 7.56
CA LEU A 577 22.11 -15.03 6.13
C LEU A 577 21.26 -16.27 5.87
N GLU A 578 20.38 -16.19 4.88
CA GLU A 578 19.38 -17.23 4.64
C GLU A 578 19.57 -17.86 3.28
N TYR A 579 19.27 -19.15 3.19
CA TYR A 579 19.25 -19.87 1.93
C TYR A 579 17.91 -19.61 1.26
N GLU A 580 17.91 -18.88 0.14
CA GLU A 580 16.68 -18.39 -0.47
C GLU A 580 16.37 -19.07 -1.80
N GLY A 581 16.96 -20.23 -2.05
CA GLY A 581 16.65 -20.93 -3.27
C GLY A 581 17.85 -21.44 -4.04
N PHE A 582 17.62 -22.50 -4.81
CA PHE A 582 18.60 -23.01 -5.74
C PHE A 582 18.03 -22.94 -7.15
N TYR A 583 18.85 -22.52 -8.10
CA TYR A 583 18.41 -22.36 -9.48
C TYR A 583 19.31 -23.16 -10.42
N LYS A 584 18.69 -23.95 -11.31
CA LYS A 584 19.44 -24.78 -12.25
C LYS A 584 20.19 -23.92 -13.26
N ARG A 585 19.57 -22.84 -13.71
CA ARG A 585 20.25 -21.92 -14.61
C ARG A 585 19.77 -20.51 -14.32
N GLY A 586 20.63 -19.56 -14.67
CA GLY A 586 20.31 -18.15 -14.48
C GLY A 586 20.95 -17.33 -15.58
N PHE A 587 20.31 -16.19 -15.86
CA PHE A 587 20.77 -15.28 -16.90
C PHE A 587 20.70 -13.87 -16.33
N PHE A 588 21.84 -13.19 -16.25
CA PHE A 588 21.93 -11.87 -15.64
C PHE A 588 22.30 -10.85 -16.70
N VAL A 589 21.36 -9.93 -16.99
CA VAL A 589 21.51 -8.98 -18.08
C VAL A 589 22.23 -7.73 -17.61
N THR A 590 21.66 -7.01 -16.65
CA THR A 590 22.29 -5.82 -16.06
C THR A 590 21.93 -5.76 -14.58
N LYS A 591 22.34 -4.69 -13.92
CA LYS A 591 21.85 -4.45 -12.57
C LYS A 591 20.32 -4.42 -12.58
N LYS A 592 19.71 -5.14 -11.64
CA LYS A 592 18.28 -5.17 -11.39
C LYS A 592 17.50 -5.93 -12.45
N LYS A 593 18.15 -6.56 -13.43
CA LYS A 593 17.43 -7.26 -14.51
C LYS A 593 18.06 -8.62 -14.79
N TYR A 594 17.29 -9.69 -14.54
CA TYR A 594 17.78 -11.06 -14.68
C TYR A 594 16.59 -12.02 -14.57
N ALA A 595 16.86 -13.28 -14.88
CA ALA A 595 15.84 -14.31 -14.74
C ALA A 595 16.52 -15.63 -14.39
N VAL A 596 15.87 -16.40 -13.51
CA VAL A 596 16.38 -17.68 -13.04
C VAL A 596 15.30 -18.74 -13.22
N ILE A 597 15.73 -20.00 -13.35
CA ILE A 597 14.81 -21.13 -13.43
C ILE A 597 15.18 -22.14 -12.36
N ASP A 598 14.20 -22.51 -11.53
CA ASP A 598 14.44 -23.44 -10.44
C ASP A 598 14.52 -24.87 -10.97
N GLU A 599 14.64 -25.84 -10.05
CA GLU A 599 14.71 -27.24 -10.43
C GLU A 599 13.35 -27.82 -10.79
N GLU A 600 12.33 -26.99 -10.99
CA GLU A 600 11.05 -27.47 -11.49
C GLU A 600 10.62 -26.76 -12.78
N GLY A 601 11.49 -25.95 -13.37
CA GLY A 601 11.12 -25.30 -14.61
C GLY A 601 10.27 -24.06 -14.46
N LYS A 602 10.13 -23.55 -13.24
CA LYS A 602 9.44 -22.29 -13.00
C LYS A 602 10.45 -21.17 -13.13
N ILE A 603 10.20 -20.25 -14.07
CA ILE A 603 11.07 -19.09 -14.27
C ILE A 603 10.62 -17.96 -13.36
N THR A 604 11.57 -17.36 -12.67
CA THR A 604 11.36 -16.10 -11.96
C THR A 604 12.19 -15.03 -12.66
N THR A 605 11.54 -13.95 -13.06
CA THR A 605 12.22 -12.89 -13.78
C THR A 605 12.04 -11.56 -13.03
N ARG A 606 13.09 -10.74 -13.02
CA ARG A 606 13.18 -9.51 -12.26
C ARG A 606 13.57 -8.35 -13.16
N GLY A 607 12.84 -7.24 -13.06
CA GLY A 607 13.20 -6.00 -13.73
C GLY A 607 13.16 -6.00 -15.24
N LEU A 608 13.18 -7.18 -15.86
CA LEU A 608 13.12 -7.26 -17.32
C LEU A 608 11.76 -6.80 -17.84
N GLU A 609 11.75 -6.43 -19.11
CA GLU A 609 10.57 -5.81 -19.71
C GLU A 609 9.33 -6.67 -19.55
N ILE A 610 9.51 -7.99 -19.46
CA ILE A 610 8.41 -8.93 -19.19
C ILE A 610 7.51 -8.44 -18.06
N VAL A 611 8.08 -7.82 -17.02
CA VAL A 611 7.33 -7.51 -15.81
C VAL A 611 6.94 -6.04 -15.71
N ARG A 612 7.33 -5.22 -16.68
CA ARG A 612 7.11 -3.79 -16.63
C ARG A 612 5.75 -3.41 -17.23
N ARG A 613 5.01 -2.57 -16.50
CA ARG A 613 3.67 -2.14 -16.91
C ARG A 613 3.68 -1.24 -18.14
N ASP A 614 4.82 -0.64 -18.50
CA ASP A 614 4.87 0.40 -19.52
C ASP A 614 5.52 -0.06 -20.82
N TRP A 615 5.69 -1.35 -21.02
CA TRP A 615 6.15 -1.88 -22.30
C TRP A 615 4.99 -2.55 -23.03
N SER A 616 5.04 -2.55 -24.36
CA SER A 616 3.95 -3.14 -25.13
C SER A 616 3.88 -4.64 -24.89
N GLU A 617 2.65 -5.17 -24.88
CA GLU A 617 2.46 -6.59 -24.66
C GLU A 617 3.19 -7.43 -25.69
N ILE A 618 3.23 -6.98 -26.94
CA ILE A 618 3.94 -7.75 -27.96
C ILE A 618 5.41 -7.90 -27.59
N ALA A 619 6.00 -6.86 -27.02
CA ALA A 619 7.40 -6.95 -26.63
C ALA A 619 7.55 -7.90 -25.44
N LYS A 620 6.69 -7.74 -24.44
CA LYS A 620 6.76 -8.60 -23.26
C LYS A 620 6.53 -10.05 -23.65
N GLU A 621 5.51 -10.30 -24.48
CA GLU A 621 5.19 -11.65 -24.91
C GLU A 621 6.35 -12.27 -25.68
N THR A 622 7.06 -11.49 -26.49
CA THR A 622 8.17 -12.08 -27.25
C THR A 622 9.35 -12.41 -26.34
N GLN A 623 9.75 -11.46 -25.49
CA GLN A 623 10.86 -11.70 -24.56
C GLN A 623 10.56 -12.87 -23.63
N ALA A 624 9.31 -13.00 -23.21
CA ALA A 624 8.91 -14.16 -22.42
C ALA A 624 9.12 -15.45 -23.21
N ARG A 625 8.70 -15.46 -24.48
CA ARG A 625 8.92 -16.64 -25.31
C ARG A 625 10.40 -16.89 -25.56
N VAL A 626 11.18 -15.82 -25.77
CA VAL A 626 12.62 -15.99 -25.95
C VAL A 626 13.23 -16.58 -24.69
N LEU A 627 12.95 -15.95 -23.54
CA LEU A 627 13.49 -16.43 -22.28
C LEU A 627 13.16 -17.89 -22.04
N GLU A 628 11.89 -18.26 -22.22
CA GLU A 628 11.48 -19.63 -21.91
C GLU A 628 12.16 -20.63 -22.83
N ALA A 629 12.23 -20.33 -24.12
CA ALA A 629 13.00 -21.15 -25.05
C ALA A 629 14.49 -21.19 -24.69
N LEU A 630 14.97 -20.23 -23.92
CA LEU A 630 16.38 -20.08 -23.62
C LEU A 630 16.77 -20.78 -22.31
N LEU A 631 16.04 -20.52 -21.23
CA LEU A 631 16.38 -21.09 -19.93
C LEU A 631 15.80 -22.48 -19.72
N LYS A 632 14.63 -22.76 -20.30
CA LYS A 632 14.04 -24.08 -20.10
C LYS A 632 14.77 -25.06 -21.00
N ASP A 633 14.47 -25.03 -22.29
CA ASP A 633 15.30 -25.72 -23.27
C ASP A 633 16.58 -24.92 -23.50
N GLY A 634 17.63 -25.61 -23.93
CA GLY A 634 18.87 -24.95 -24.27
C GLY A 634 18.85 -24.56 -25.74
N ASP A 635 17.70 -24.08 -26.19
CA ASP A 635 17.36 -24.00 -27.61
C ASP A 635 17.56 -22.56 -28.09
N VAL A 636 18.77 -22.25 -28.53
CA VAL A 636 19.02 -20.90 -29.05
C VAL A 636 18.37 -20.74 -30.43
N GLU A 637 18.28 -21.82 -31.20
CA GLU A 637 17.66 -21.75 -32.53
C GLU A 637 16.16 -21.47 -32.43
N LYS A 638 15.53 -21.89 -31.32
CA LYS A 638 14.11 -21.63 -31.12
C LYS A 638 13.86 -20.16 -30.82
N ALA A 639 14.64 -19.58 -29.90
CA ALA A 639 14.45 -18.18 -29.56
C ALA A 639 14.62 -17.28 -30.77
N VAL A 640 15.62 -17.55 -31.60
CA VAL A 640 15.85 -16.70 -32.76
C VAL A 640 14.71 -16.88 -33.77
N ARG A 641 14.10 -18.08 -33.83
CA ARG A 641 12.96 -18.27 -34.71
C ARG A 641 11.75 -17.47 -34.23
N ILE A 642 11.64 -17.25 -32.92
CA ILE A 642 10.49 -16.54 -32.38
C ILE A 642 10.56 -15.06 -32.73
N VAL A 643 11.75 -14.44 -32.57
CA VAL A 643 11.89 -13.02 -32.86
C VAL A 643 11.69 -12.75 -34.35
N LYS A 644 12.26 -13.59 -35.22
CA LYS A 644 12.08 -13.36 -36.65
C LYS A 644 10.64 -13.60 -37.07
N GLU A 645 9.94 -14.53 -36.41
CA GLU A 645 8.52 -14.78 -36.68
C GLU A 645 7.64 -13.63 -36.19
N VAL A 646 8.12 -12.85 -35.22
CA VAL A 646 7.38 -11.69 -34.72
C VAL A 646 7.72 -10.42 -35.52
N THR A 647 8.96 -10.28 -35.99
CA THR A 647 9.34 -9.20 -36.91
C THR A 647 8.40 -9.20 -38.12
N GLU A 648 8.49 -10.21 -38.98
CA GLU A 648 7.36 -10.50 -39.86
C GLU A 648 6.13 -10.73 -38.99
N LYS A 649 4.96 -10.35 -39.50
CA LYS A 649 3.68 -10.25 -38.79
C LYS A 649 3.46 -8.81 -38.32
N LEU A 650 4.32 -8.29 -37.45
CA LEU A 650 4.26 -6.86 -37.18
C LEU A 650 4.41 -6.07 -38.47
N SER A 651 5.41 -6.43 -39.29
CA SER A 651 5.57 -5.79 -40.59
C SER A 651 4.41 -6.10 -41.53
N LYS A 652 3.90 -7.33 -41.49
CA LYS A 652 2.75 -7.71 -42.31
C LYS A 652 1.42 -7.21 -41.75
N TYR A 653 1.44 -6.50 -40.61
CA TYR A 653 0.24 -6.05 -39.90
C TYR A 653 -0.60 -7.22 -39.39
N GLU A 654 -0.01 -8.40 -39.23
CA GLU A 654 -0.75 -9.60 -38.82
C GLU A 654 -0.88 -9.75 -37.32
N VAL A 655 -0.30 -8.86 -36.52
CA VAL A 655 -0.34 -8.92 -35.06
C VAL A 655 -1.46 -8.02 -34.57
N PRO A 656 -2.29 -8.45 -33.61
CA PRO A 656 -3.46 -7.65 -33.21
C PRO A 656 -3.03 -6.33 -32.60
N PRO A 657 -3.62 -5.21 -33.04
CA PRO A 657 -3.23 -3.89 -32.51
C PRO A 657 -3.45 -3.72 -31.00
N GLU A 658 -4.16 -4.65 -30.36
CA GLU A 658 -4.30 -4.58 -28.91
C GLU A 658 -2.99 -4.90 -28.21
N LYS A 659 -2.12 -5.69 -28.85
CA LYS A 659 -0.84 -6.08 -28.28
C LYS A 659 0.21 -4.97 -28.38
N LEU A 660 -0.16 -3.83 -28.94
CA LEU A 660 0.77 -2.73 -29.17
C LEU A 660 0.44 -1.53 -28.30
N VAL A 661 -0.46 -1.68 -27.35
CA VAL A 661 -0.86 -0.57 -26.49
C VAL A 661 0.24 -0.33 -25.45
N ILE A 662 0.64 0.94 -25.31
CA ILE A 662 1.57 1.39 -24.28
C ILE A 662 0.79 2.11 -23.21
N HIS A 663 0.99 1.71 -21.96
CA HIS A 663 0.30 2.31 -20.83
C HIS A 663 1.32 3.05 -19.99
N GLU A 664 1.11 4.35 -19.78
CA GLU A 664 2.00 5.17 -18.97
C GLU A 664 1.16 6.15 -18.15
N GLN A 665 1.46 6.26 -16.87
CA GLN A 665 0.71 7.11 -15.97
C GLN A 665 1.12 8.57 -16.09
N ILE A 666 0.14 9.47 -15.96
CA ILE A 666 0.41 10.87 -15.67
C ILE A 666 0.60 11.01 -14.18
N THR A 667 1.63 11.77 -13.77
CA THR A 667 2.00 11.83 -12.36
C THR A 667 1.87 13.21 -11.75
N ARG A 668 1.46 14.22 -12.51
CA ARG A 668 1.46 15.59 -12.03
C ARG A 668 0.55 16.42 -12.92
N ASP A 669 0.33 17.66 -12.50
CA ASP A 669 -0.41 18.59 -13.33
C ASP A 669 0.35 18.83 -14.63
N LEU A 670 -0.34 18.73 -15.76
CA LEU A 670 0.33 18.74 -17.05
C LEU A 670 1.13 20.02 -17.32
N LYS A 671 0.84 21.11 -16.61
CA LYS A 671 1.63 22.32 -16.81
C LYS A 671 3.03 22.16 -16.26
N ASP A 672 3.21 21.32 -15.25
CA ASP A 672 4.47 21.18 -14.52
C ASP A 672 5.45 20.21 -15.19
N TYR A 673 5.09 19.65 -16.35
CA TYR A 673 6.02 18.80 -17.08
C TYR A 673 7.08 19.65 -17.78
N LYS A 674 8.33 19.23 -17.67
CA LYS A 674 9.41 19.87 -18.42
C LYS A 674 9.79 19.09 -19.67
N ALA A 675 9.63 17.77 -19.65
CA ALA A 675 9.86 16.93 -20.81
C ALA A 675 8.53 16.33 -21.28
N THR A 676 8.19 16.54 -22.55
CA THR A 676 6.92 16.12 -23.13
C THR A 676 7.13 14.88 -24.00
N GLY A 677 7.05 13.71 -23.36
CA GLY A 677 7.09 12.45 -24.07
C GLY A 677 5.73 12.05 -24.60
N PRO A 678 5.68 10.87 -25.22
CA PRO A 678 4.45 10.47 -25.93
C PRO A 678 3.22 10.43 -25.04
N HIS A 679 3.34 9.92 -23.80
CA HIS A 679 2.15 9.84 -22.98
C HIS A 679 1.66 11.23 -22.56
N VAL A 680 2.58 12.19 -22.40
CA VAL A 680 2.16 13.55 -22.08
C VAL A 680 1.57 14.22 -23.32
N ALA A 681 2.16 14.00 -24.50
CA ALA A 681 1.64 14.61 -25.72
C ALA A 681 0.21 14.13 -26.00
N VAL A 682 -0.07 12.85 -25.75
CA VAL A 682 -1.44 12.37 -25.90
C VAL A 682 -2.35 12.99 -24.85
N ALA A 683 -1.85 13.14 -23.61
CA ALA A 683 -2.68 13.66 -22.53
C ALA A 683 -2.98 15.14 -22.71
N LYS A 684 -2.00 15.92 -23.19
CA LYS A 684 -2.25 17.34 -23.43
C LYS A 684 -3.32 17.54 -24.50
N ARG A 685 -3.36 16.65 -25.49
CA ARG A 685 -4.40 16.73 -26.51
C ARG A 685 -5.76 16.40 -25.93
N LEU A 686 -5.81 15.41 -25.03
CA LEU A 686 -7.08 15.10 -24.37
C LEU A 686 -7.56 16.30 -23.55
N ALA A 687 -6.65 16.93 -22.80
CA ALA A 687 -6.99 18.13 -22.04
C ALA A 687 -7.62 19.19 -22.94
N ALA A 688 -7.08 19.35 -24.15
CA ALA A 688 -7.63 20.31 -25.11
C ALA A 688 -9.04 19.97 -25.55
N ARG A 689 -9.47 18.71 -25.38
CA ARG A 689 -10.84 18.29 -25.70
C ARG A 689 -11.75 18.32 -24.48
N GLY A 690 -11.28 18.74 -23.32
CA GLY A 690 -12.09 18.70 -22.11
C GLY A 690 -12.18 17.34 -21.45
N VAL A 691 -11.11 16.53 -21.53
CA VAL A 691 -11.13 15.17 -20.98
C VAL A 691 -10.71 15.13 -19.51
N LYS A 692 -10.17 16.22 -18.96
CA LYS A 692 -9.87 16.31 -17.53
C LYS A 692 -8.85 15.27 -17.11
N ILE A 693 -7.59 15.57 -17.33
CA ILE A 693 -6.50 14.71 -16.91
C ILE A 693 -6.10 15.12 -15.49
N ARG A 694 -5.73 14.14 -14.68
CA ARG A 694 -5.28 14.37 -13.32
C ARG A 694 -4.11 13.44 -13.04
N PRO A 695 -3.34 13.70 -11.98
CA PRO A 695 -2.33 12.72 -11.58
C PRO A 695 -3.02 11.40 -11.30
N GLY A 696 -2.38 10.31 -11.75
CA GLY A 696 -2.95 8.99 -11.67
C GLY A 696 -3.63 8.51 -12.95
N THR A 697 -3.99 9.42 -13.85
CA THR A 697 -4.58 9.04 -15.13
C THR A 697 -3.60 8.23 -15.96
N VAL A 698 -4.04 7.06 -16.44
CA VAL A 698 -3.21 6.23 -17.31
C VAL A 698 -3.54 6.56 -18.76
N ILE A 699 -2.51 6.88 -19.53
CA ILE A 699 -2.64 7.05 -20.97
C ILE A 699 -2.37 5.70 -21.61
N SER A 700 -3.33 5.22 -22.38
CA SER A 700 -3.19 3.99 -23.14
C SER A 700 -3.18 4.38 -24.62
N TYR A 701 -2.02 4.29 -25.27
CA TYR A 701 -1.86 4.81 -26.62
C TYR A 701 -1.18 3.78 -27.52
N ILE A 702 -1.16 4.12 -28.81
CA ILE A 702 -0.64 3.30 -29.89
C ILE A 702 0.09 4.22 -30.87
N VAL A 703 1.15 3.71 -31.49
CA VAL A 703 2.03 4.50 -32.33
C VAL A 703 1.73 4.19 -33.80
N LEU A 704 1.45 5.23 -34.58
CA LEU A 704 1.08 5.06 -35.97
C LEU A 704 2.28 5.36 -36.87
N LYS A 705 2.24 4.77 -38.08
CA LYS A 705 3.32 4.89 -39.04
C LYS A 705 3.69 6.35 -39.31
N GLY A 706 4.98 6.65 -39.22
CA GLY A 706 5.48 7.99 -39.45
C GLY A 706 6.95 8.04 -39.09
N SER A 707 7.47 9.27 -39.00
CA SER A 707 8.90 9.42 -38.72
C SER A 707 9.27 10.53 -37.74
N GLY A 708 8.36 11.44 -37.38
CA GLY A 708 8.70 12.53 -36.48
C GLY A 708 9.00 12.09 -35.06
N ARG A 709 8.76 12.97 -34.09
CA ARG A 709 8.74 12.55 -32.70
C ARG A 709 7.67 11.48 -32.52
N ILE A 710 7.88 10.60 -31.54
CA ILE A 710 6.90 9.53 -31.33
C ILE A 710 5.59 10.10 -30.80
N GLY A 711 5.66 11.08 -29.90
CA GLY A 711 4.47 11.76 -29.43
C GLY A 711 3.65 12.41 -30.54
N ASP A 712 4.29 12.77 -31.64
CA ASP A 712 3.58 13.38 -32.76
C ASP A 712 2.57 12.42 -33.38
N ARG A 713 2.87 11.11 -33.36
CA ARG A 713 2.03 10.14 -34.05
C ARG A 713 1.42 9.12 -33.10
N ALA A 714 1.32 9.45 -31.82
CA ALA A 714 0.62 8.62 -30.84
C ALA A 714 -0.80 9.12 -30.64
N ILE A 715 -1.74 8.19 -30.56
CA ILE A 715 -3.15 8.47 -30.31
C ILE A 715 -3.66 7.56 -29.20
N PRO A 716 -4.68 7.96 -28.43
CA PRO A 716 -5.31 7.00 -27.51
C PRO A 716 -5.77 5.78 -28.30
N PHE A 717 -5.56 4.61 -27.72
CA PHE A 717 -5.97 3.39 -28.42
C PHE A 717 -7.48 3.35 -28.66
N ASP A 718 -8.26 4.12 -27.88
CA ASP A 718 -9.63 4.44 -28.24
C ASP A 718 -9.73 4.71 -29.73
N GLU A 719 -9.17 5.86 -30.13
CA GLU A 719 -9.32 6.41 -31.47
C GLU A 719 -8.66 5.55 -32.54
N PHE A 720 -8.09 4.39 -32.21
CA PHE A 720 -7.54 3.53 -33.25
C PHE A 720 -8.66 2.89 -34.07
N ASP A 721 -8.48 2.88 -35.40
CA ASP A 721 -9.50 2.40 -36.34
C ASP A 721 -8.75 1.82 -37.53
N PRO A 722 -8.66 0.48 -37.64
CA PRO A 722 -7.94 -0.15 -38.76
C PRO A 722 -8.29 0.36 -40.14
N THR A 723 -9.54 0.78 -40.38
CA THR A 723 -9.88 1.31 -41.70
C THR A 723 -9.05 2.53 -42.05
N LYS A 724 -8.48 3.22 -41.06
CA LYS A 724 -7.92 4.54 -41.27
C LYS A 724 -6.52 4.69 -40.74
N HIS A 725 -6.05 3.78 -39.88
CA HIS A 725 -4.75 3.88 -39.23
C HIS A 725 -3.98 2.58 -39.40
N LYS A 726 -2.85 2.64 -40.09
CA LYS A 726 -1.86 1.58 -40.04
C LYS A 726 -0.89 1.91 -38.91
N TYR A 727 -0.62 0.94 -38.05
CA TYR A 727 0.29 1.26 -36.95
C TYR A 727 1.75 1.28 -37.45
N ASP A 728 2.65 1.69 -36.57
CA ASP A 728 4.05 1.86 -36.94
C ASP A 728 4.78 0.55 -36.71
N ALA A 729 4.68 -0.32 -37.72
CA ALA A 729 5.35 -1.61 -37.64
C ALA A 729 6.85 -1.46 -37.41
N GLU A 730 7.48 -0.46 -38.03
CA GLU A 730 8.91 -0.28 -37.82
C GLU A 730 9.20 0.18 -36.40
N TYR A 731 8.27 0.93 -35.79
CA TYR A 731 8.48 1.34 -34.41
C TYR A 731 8.41 0.15 -33.47
N TYR A 732 7.35 -0.65 -33.57
CA TYR A 732 7.20 -1.78 -32.67
C TYR A 732 8.27 -2.85 -32.89
N ILE A 733 8.87 -2.91 -34.08
CA ILE A 733 9.99 -3.84 -34.28
C ILE A 733 11.28 -3.27 -33.72
N GLU A 734 11.66 -2.06 -34.16
CA GLU A 734 12.99 -1.54 -33.83
C GLU A 734 13.06 -0.86 -32.46
N ASN A 735 11.92 -0.51 -31.85
CA ASN A 735 11.91 0.18 -30.58
C ASN A 735 11.27 -0.58 -29.43
N GLN A 736 10.51 -1.64 -29.70
CA GLN A 736 9.89 -2.39 -28.61
C GLN A 736 10.35 -3.85 -28.58
N VAL A 737 10.17 -4.60 -29.66
CA VAL A 737 10.52 -6.02 -29.64
C VAL A 737 12.04 -6.19 -29.64
N LEU A 738 12.70 -5.73 -30.70
CA LEU A 738 14.14 -5.98 -30.84
C LEU A 738 14.96 -5.46 -29.67
N PRO A 739 14.76 -4.24 -29.16
CA PRO A 739 15.57 -3.82 -28.01
C PRO A 739 15.45 -4.77 -26.82
N ALA A 740 14.25 -5.24 -26.52
CA ALA A 740 14.06 -6.13 -25.37
C ALA A 740 14.78 -7.46 -25.58
N VAL A 741 14.50 -8.14 -26.69
CA VAL A 741 15.03 -9.49 -26.88
C VAL A 741 16.51 -9.49 -27.20
N GLU A 742 17.03 -8.41 -27.81
CA GLU A 742 18.44 -8.40 -28.21
C GLU A 742 19.36 -8.31 -26.98
N ARG A 743 18.96 -7.57 -25.96
CA ARG A 743 19.79 -7.47 -24.77
C ARG A 743 19.99 -8.83 -24.11
N ILE A 744 19.00 -9.71 -24.22
CA ILE A 744 19.15 -11.09 -23.77
C ILE A 744 19.98 -11.89 -24.76
N LEU A 745 19.55 -11.92 -26.01
CA LEU A 745 20.20 -12.71 -27.04
C LEU A 745 21.55 -12.20 -27.39
N ARG A 746 22.12 -11.21 -26.71
CA ARG A 746 23.50 -10.86 -27.01
C ARG A 746 24.44 -11.99 -26.60
N ALA A 747 24.18 -12.61 -25.44
CA ALA A 747 25.02 -13.67 -24.90
C ALA A 747 25.14 -14.90 -25.83
#